data_6RGG
#
_entry.id   6RGG
#
_cell.length_a   68.304
_cell.length_b   89.347
_cell.length_c   68.401
_cell.angle_alpha   90.00
_cell.angle_beta   101.35
_cell.angle_gamma   90.00
#
_symmetry.space_group_name_H-M   'P 1 21 1'
#
loop_
_entity.id
_entity.type
_entity.pdbx_description
1 polymer 'lectin PLL2 from Photorhabdus laumondii'
2 non-polymer 3,6-O-dimethyl-D-glucose
3 non-polymer 6-deoxy-2,3-di-O-methyl-alpha-L-mannopyranose
4 non-polymer 'SODIUM ION'
5 non-polymer 1,2-ETHANEDIOL
6 water water
#
_entity_poly.entity_id   1
_entity_poly.type   'polypeptide(L)'
_entity_poly.pdbx_seq_one_letter_code
;MQEEPTNIPRPDNAELLVASEVAIENAAIALSEIVSVVNTSDGRIEVFGVGTDNAVWHNRQTAPHSGSSWTGWISLNGKV
TSKPVVYINTDGRLEVFARGTDNALWHIWQTATNAGWSNWQSLGGTITSNPAVYVNTDGRIDVFARGTDNALWHISQTAA
HSGPWSSWQSLNGVITSNPAVHINSDGRLEVFARGTDNALWHIWQTAPDSNQWSGWDSLGGVITSDPVVIGTADGRLEVF
ARGSNNALYHIWQTVPHGGPWSNWASLNGVITSAPAVVKNSDGRLEVFARGTNNALYHIWQTVSHSGPWSNWATLNGTIT
SAPTAVEDADGRLEVFARGTDNALWNIWQATPSWSAWVSLKGSLIDASAIK
;
_entity_poly.pdbx_strand_id   A,B
#
# COMPACT_ATOMS: atom_id res chain seq x y z
N ILE A 29 -32.49 4.36 -1.80
CA ILE A 29 -31.14 3.94 -1.31
C ILE A 29 -31.30 2.91 -0.17
N ALA A 30 -30.62 1.77 -0.29
CA ALA A 30 -30.52 0.71 0.74
C ALA A 30 -29.82 1.28 1.99
N LEU A 31 -30.10 0.73 3.17
CA LEU A 31 -29.46 1.09 4.46
C LEU A 31 -27.93 1.11 4.30
N SER A 32 -27.28 2.21 4.71
CA SER A 32 -25.84 2.50 4.48
C SER A 32 -24.95 2.11 5.68
N GLU A 33 -23.63 2.29 5.54
CA GLU A 33 -22.63 2.16 6.65
C GLU A 33 -22.92 3.23 7.73
N ILE A 34 -22.62 2.92 8.98
CA ILE A 34 -22.76 3.84 10.15
C ILE A 34 -21.38 4.21 10.69
N VAL A 35 -20.40 3.32 10.53
CA VAL A 35 -19.00 3.59 10.94
C VAL A 35 -18.13 3.66 9.69
N SER A 36 -17.14 4.54 9.74
CA SER A 36 -15.93 4.56 8.88
C SER A 36 -14.81 3.81 9.63
N VAL A 37 -13.96 3.08 8.92
CA VAL A 37 -12.89 2.22 9.52
C VAL A 37 -11.61 2.41 8.73
N VAL A 38 -10.46 2.40 9.42
CA VAL A 38 -9.15 2.61 8.78
C VAL A 38 -8.11 1.79 9.55
N ASN A 39 -7.08 1.37 8.85
CA ASN A 39 -5.87 0.72 9.42
C ASN A 39 -4.90 1.85 9.72
N THR A 40 -4.54 2.09 10.98
CA THR A 40 -3.58 3.15 11.35
C THR A 40 -2.18 2.75 10.87
N SER A 41 -1.24 3.68 10.97
CA SER A 41 0.15 3.51 10.46
C SER A 41 0.92 2.54 11.35
N ASP A 42 0.41 2.26 12.57
CA ASP A 42 1.01 1.29 13.52
C ASP A 42 0.16 0.02 13.61
N GLY A 43 -0.70 -0.23 12.62
CA GLY A 43 -1.38 -1.53 12.42
C GLY A 43 -2.56 -1.78 13.34
N ARG A 44 -3.06 -0.75 14.04
CA ARG A 44 -4.28 -0.86 14.89
C ARG A 44 -5.49 -0.37 14.09
N ILE A 45 -6.61 -1.11 14.13
CA ILE A 45 -7.89 -0.68 13.50
C ILE A 45 -8.51 0.42 14.38
N GLU A 46 -9.09 1.44 13.76
CA GLU A 46 -9.77 2.56 14.45
C GLU A 46 -11.12 2.79 13.76
N VAL A 47 -12.21 2.77 14.52
CA VAL A 47 -13.58 2.96 13.99
C VAL A 47 -14.06 4.35 14.45
N PHE A 48 -14.78 5.03 13.58
CA PHE A 48 -15.35 6.38 13.79
C PHE A 48 -16.85 6.26 13.55
N GLY A 49 -17.69 6.74 14.48
CA GLY A 49 -19.15 6.79 14.31
C GLY A 49 -19.73 8.09 14.84
N VAL A 50 -21.00 8.35 14.55
CA VAL A 50 -21.82 9.44 15.15
C VAL A 50 -22.51 8.91 16.41
N GLY A 51 -22.39 9.64 17.52
CA GLY A 51 -23.02 9.33 18.81
C GLY A 51 -24.46 9.80 18.84
N THR A 52 -25.18 9.51 19.94
CA THR A 52 -26.53 10.08 20.23
C THR A 52 -26.43 11.60 20.36
N ASP A 53 -25.26 12.14 20.73
CA ASP A 53 -25.06 13.61 20.87
C ASP A 53 -24.70 14.26 19.51
N ASN A 54 -24.67 13.49 18.41
CA ASN A 54 -24.27 13.95 17.05
C ASN A 54 -22.80 14.41 17.02
N ALA A 55 -22.00 14.04 18.02
CA ALA A 55 -20.53 14.21 17.95
C ALA A 55 -19.97 13.00 17.22
N VAL A 56 -18.73 13.13 16.75
CA VAL A 56 -17.94 12.01 16.15
C VAL A 56 -17.17 11.38 17.31
N TRP A 57 -17.30 10.07 17.46
CA TRP A 57 -16.56 9.24 18.44
C TRP A 57 -15.65 8.29 17.68
N HIS A 58 -14.58 7.83 18.33
CA HIS A 58 -13.60 6.90 17.73
C HIS A 58 -13.19 5.85 18.76
N ASN A 59 -12.96 4.63 18.30
CA ASN A 59 -12.54 3.47 19.12
C ASN A 59 -11.34 2.86 18.40
N ARG A 60 -10.39 2.32 19.14
CA ARG A 60 -9.08 1.88 18.61
C ARG A 60 -8.68 0.58 19.30
N GLN A 61 -8.26 -0.44 18.53
CA GLN A 61 -7.61 -1.64 19.09
C GLN A 61 -6.43 -1.20 19.97
N THR A 62 -6.26 -1.81 21.13
CA THR A 62 -5.13 -1.51 22.04
C THR A 62 -3.83 -2.08 21.45
N ALA A 63 -3.92 -3.20 20.72
CA ALA A 63 -2.78 -3.94 20.09
C ALA A 63 -3.16 -4.43 18.69
N PRO A 64 -2.20 -4.56 17.75
CA PRO A 64 -2.51 -4.84 16.35
C PRO A 64 -2.74 -6.30 15.95
N HIS A 65 -3.72 -6.95 16.60
CA HIS A 65 -4.03 -8.40 16.42
C HIS A 65 -5.53 -8.58 16.35
N SER A 66 -5.99 -9.64 15.67
CA SER A 66 -7.41 -10.07 15.62
C SER A 66 -7.92 -10.25 17.05
N GLY A 67 -9.16 -9.84 17.32
CA GLY A 67 -9.83 -10.02 18.62
C GLY A 67 -9.03 -9.40 19.76
N SER A 68 -8.24 -8.37 19.48
CA SER A 68 -7.59 -7.45 20.48
C SER A 68 -8.69 -6.71 21.25
N SER A 69 -8.46 -6.38 22.52
CA SER A 69 -9.35 -5.49 23.31
C SER A 69 -9.28 -4.09 22.70
N TRP A 70 -10.22 -3.21 23.06
CA TRP A 70 -10.35 -1.85 22.49
C TRP A 70 -10.15 -0.78 23.57
N THR A 71 -9.67 0.41 23.19
CA THR A 71 -9.42 1.57 24.08
C THR A 71 -10.70 1.99 24.80
N GLY A 72 -11.87 1.78 24.19
CA GLY A 72 -13.12 2.42 24.64
C GLY A 72 -13.35 3.72 23.90
N TRP A 73 -14.59 4.18 23.86
CA TRP A 73 -15.04 5.30 22.99
C TRP A 73 -14.49 6.63 23.51
N ILE A 74 -13.95 7.45 22.61
CA ILE A 74 -13.35 8.78 22.89
C ILE A 74 -13.99 9.77 21.90
N SER A 75 -14.44 10.93 22.38
CA SER A 75 -15.18 11.90 21.56
C SER A 75 -14.21 12.90 20.92
N LEU A 76 -14.50 13.25 19.67
CA LEU A 76 -13.90 14.39 18.93
C LEU A 76 -14.87 15.57 18.91
N ASN A 77 -16.03 15.44 19.56
CA ASN A 77 -16.98 16.58 19.72
C ASN A 77 -17.54 16.89 18.33
N GLY A 78 -17.86 18.15 18.05
CA GLY A 78 -18.47 18.55 16.78
C GLY A 78 -19.93 18.16 16.74
N LYS A 79 -20.66 18.62 15.72
CA LYS A 79 -22.10 18.37 15.51
C LYS A 79 -22.27 18.04 14.03
N VAL A 80 -22.59 16.78 13.70
CA VAL A 80 -22.49 16.28 12.31
C VAL A 80 -23.83 15.72 11.88
N THR A 81 -24.15 15.86 10.59
CA THR A 81 -25.42 15.43 9.96
C THR A 81 -25.12 14.49 8.78
N SER A 82 -23.94 13.87 8.78
CA SER A 82 -23.55 12.83 7.79
C SER A 82 -22.73 11.73 8.47
N LYS A 83 -22.57 10.61 7.75
CA LYS A 83 -21.50 9.62 8.02
C LYS A 83 -20.18 10.40 8.06
N PRO A 84 -19.34 10.22 9.10
CA PRO A 84 -17.97 10.72 9.05
C PRO A 84 -17.15 9.79 8.15
N VAL A 85 -16.22 10.36 7.38
CA VAL A 85 -15.27 9.60 6.52
C VAL A 85 -13.89 9.88 7.07
N VAL A 86 -13.20 8.84 7.49
CA VAL A 86 -11.78 8.95 7.94
C VAL A 86 -10.90 8.60 6.74
N TYR A 87 -9.81 9.33 6.58
CA TYR A 87 -8.74 8.95 5.63
C TYR A 87 -7.41 9.20 6.30
N ILE A 88 -6.43 8.38 5.96
CA ILE A 88 -5.06 8.51 6.52
C ILE A 88 -4.27 9.34 5.50
N ASN A 89 -3.75 10.49 5.92
CA ASN A 89 -2.76 11.25 5.13
C ASN A 89 -1.55 10.34 4.85
N THR A 90 -0.69 10.75 3.91
CA THR A 90 0.48 9.97 3.44
C THR A 90 1.58 9.99 4.52
N ASP A 91 1.51 10.92 5.48
CA ASP A 91 2.43 10.95 6.65
C ASP A 91 1.81 10.24 7.87
N GLY A 92 0.71 9.49 7.73
CA GLY A 92 0.16 8.68 8.84
C GLY A 92 -0.84 9.40 9.76
N ARG A 93 -1.05 10.71 9.65
CA ARG A 93 -2.06 11.44 10.47
C ARG A 93 -3.45 11.15 9.92
N LEU A 94 -4.37 10.68 10.78
CA LEU A 94 -5.80 10.46 10.42
C LEU A 94 -6.50 11.80 10.23
N GLU A 95 -7.47 11.85 9.33
CA GLU A 95 -8.26 13.07 9.04
C GLU A 95 -9.71 12.62 8.86
N VAL A 96 -10.64 13.32 9.52
CA VAL A 96 -12.08 12.97 9.44
C VAL A 96 -12.84 14.14 8.79
N PHE A 97 -13.75 13.82 7.90
CA PHE A 97 -14.59 14.74 7.13
C PHE A 97 -16.06 14.41 7.42
N ALA A 98 -16.92 15.42 7.55
CA ALA A 98 -18.35 15.25 7.92
C ALA A 98 -19.13 16.51 7.56
N ARG A 99 -20.40 16.36 7.22
CA ARG A 99 -21.33 17.50 7.06
C ARG A 99 -21.66 18.04 8.45
N GLY A 100 -21.53 19.35 8.64
CA GLY A 100 -21.93 20.05 9.88
C GLY A 100 -23.43 20.29 9.95
N THR A 101 -23.92 20.97 11.00
CA THR A 101 -25.36 21.30 11.19
C THR A 101 -25.78 22.40 10.22
N ASP A 102 -24.83 23.24 9.78
CA ASP A 102 -25.00 24.26 8.71
C ASP A 102 -24.99 23.59 7.32
N ASN A 103 -24.71 22.28 7.22
CA ASN A 103 -24.68 21.51 5.95
C ASN A 103 -23.42 21.85 5.13
N ALA A 104 -22.44 22.54 5.70
CA ALA A 104 -21.09 22.73 5.13
C ALA A 104 -20.25 21.47 5.41
N LEU A 105 -19.13 21.32 4.71
CA LEU A 105 -18.15 20.23 4.98
C LEU A 105 -17.22 20.72 6.08
N TRP A 106 -17.12 19.95 7.16
CA TRP A 106 -16.15 20.20 8.25
C TRP A 106 -15.08 19.10 8.23
N HIS A 107 -13.92 19.35 8.84
CA HIS A 107 -12.86 18.33 8.97
C HIS A 107 -12.03 18.58 10.23
N ILE A 108 -11.27 17.58 10.63
CA ILE A 108 -10.45 17.57 11.87
C ILE A 108 -9.39 16.49 11.66
N TRP A 109 -8.18 16.73 12.16
CA TRP A 109 -6.95 15.98 11.79
C TRP A 109 -6.07 15.77 13.02
N GLN A 110 -5.38 14.64 13.07
CA GLN A 110 -4.30 14.38 14.07
C GLN A 110 -3.16 15.38 13.80
N THR A 111 -2.56 15.90 14.87
CA THR A 111 -1.47 16.91 14.78
C THR A 111 -0.13 16.19 14.70
N ALA A 112 -0.12 14.91 15.12
CA ALA A 112 0.97 13.93 14.93
C ALA A 112 0.35 12.52 14.76
N THR A 113 1.06 11.60 14.10
CA THR A 113 0.48 10.29 13.72
C THR A 113 0.09 9.58 15.00
N ASN A 114 -1.20 9.22 15.13
CA ASN A 114 -1.79 8.34 16.19
C ASN A 114 -1.82 9.05 17.54
N ALA A 115 -1.80 10.39 17.55
CA ALA A 115 -1.59 11.25 18.75
C ALA A 115 -2.78 12.22 18.91
N GLY A 116 -2.52 13.47 19.29
CA GLY A 116 -3.54 14.48 19.62
C GLY A 116 -4.25 14.98 18.37
N TRP A 117 -5.42 15.62 18.53
CA TRP A 117 -6.31 16.07 17.41
C TRP A 117 -6.45 17.58 17.38
N SER A 118 -6.52 18.17 16.18
CA SER A 118 -6.84 19.61 15.96
C SER A 118 -8.26 19.94 16.45
N ASN A 119 -8.62 21.22 16.37
CA ASN A 119 -10.02 21.68 16.45
C ASN A 119 -10.69 21.44 15.08
N TRP A 120 -12.01 21.28 15.09
CA TRP A 120 -12.82 21.21 13.86
C TRP A 120 -12.65 22.51 13.08
N GLN A 121 -12.67 22.42 11.75
CA GLN A 121 -12.49 23.57 10.85
C GLN A 121 -13.40 23.35 9.66
N SER A 122 -14.02 24.42 9.17
CA SER A 122 -15.00 24.43 8.04
C SER A 122 -14.27 24.60 6.72
N LEU A 123 -14.76 23.91 5.70
CA LEU A 123 -14.30 24.03 4.29
C LEU A 123 -15.41 24.65 3.45
N GLY A 124 -16.45 25.18 4.12
CA GLY A 124 -17.61 25.83 3.48
C GLY A 124 -18.35 24.88 2.57
N GLY A 125 -18.96 25.42 1.51
CA GLY A 125 -19.83 24.66 0.61
C GLY A 125 -21.13 24.32 1.30
N THR A 126 -22.03 23.67 0.58
CA THR A 126 -23.29 23.09 1.09
C THR A 126 -23.46 21.75 0.39
N ILE A 127 -23.53 20.66 1.16
CA ILE A 127 -23.49 19.28 0.61
C ILE A 127 -24.73 18.52 1.07
N THR A 128 -25.24 17.66 0.19
CA THR A 128 -26.53 16.93 0.33
C THR A 128 -26.23 15.44 0.27
N SER A 129 -24.99 15.03 0.52
CA SER A 129 -24.55 13.60 0.57
C SER A 129 -23.47 13.40 1.64
N ASN A 130 -23.11 12.14 1.88
CA ASN A 130 -21.87 11.79 2.61
C ASN A 130 -20.69 12.25 1.77
N PRO A 131 -19.61 12.78 2.36
CA PRO A 131 -18.35 12.95 1.62
C PRO A 131 -17.81 11.58 1.15
N ALA A 132 -17.01 11.61 0.09
CA ALA A 132 -16.16 10.49 -0.35
C ALA A 132 -14.75 11.04 -0.48
N VAL A 133 -13.76 10.34 0.09
CA VAL A 133 -12.38 10.84 0.27
C VAL A 133 -11.41 9.84 -0.37
N TYR A 134 -10.39 10.35 -1.05
CA TYR A 134 -9.23 9.57 -1.53
C TYR A 134 -8.07 10.55 -1.66
N VAL A 135 -6.85 10.00 -1.73
CA VAL A 135 -5.61 10.81 -1.83
C VAL A 135 -5.13 10.75 -3.29
N ASN A 136 -4.69 11.88 -3.83
CA ASN A 136 -4.09 11.97 -5.18
C ASN A 136 -2.68 11.34 -5.13
N THR A 137 -2.08 11.06 -6.28
CA THR A 137 -0.72 10.48 -6.40
C THR A 137 0.31 11.43 -5.76
N ASP A 138 -0.01 12.72 -5.61
CA ASP A 138 0.91 13.75 -5.01
C ASP A 138 0.61 13.98 -3.52
N GLY A 139 -0.09 13.06 -2.85
CA GLY A 139 -0.40 13.16 -1.42
C GLY A 139 -1.45 14.24 -1.07
N ARG A 140 -2.18 14.80 -2.05
CA ARG A 140 -3.25 15.79 -1.79
C ARG A 140 -4.59 15.04 -1.66
N ILE A 141 -5.29 15.20 -0.53
CA ILE A 141 -6.63 14.61 -0.33
C ILE A 141 -7.64 15.37 -1.20
N ASP A 142 -8.51 14.63 -1.89
CA ASP A 142 -9.66 15.12 -2.69
C ASP A 142 -10.90 14.67 -1.91
N VAL A 143 -11.90 15.54 -1.79
CA VAL A 143 -13.20 15.23 -1.13
C VAL A 143 -14.31 15.53 -2.15
N PHE A 144 -15.25 14.61 -2.29
CA PHE A 144 -16.36 14.68 -3.26
C PHE A 144 -17.67 14.66 -2.47
N ALA A 145 -18.70 15.32 -2.99
CA ALA A 145 -20.02 15.48 -2.34
C ALA A 145 -21.05 15.98 -3.36
N ARG A 146 -22.28 15.45 -3.30
CA ARG A 146 -23.43 16.04 -4.04
C ARG A 146 -23.69 17.45 -3.50
N GLY A 147 -24.03 18.39 -4.39
CA GLY A 147 -24.43 19.77 -4.04
C GLY A 147 -25.94 19.91 -4.05
N THR A 148 -26.45 21.12 -3.81
CA THR A 148 -27.91 21.43 -3.77
C THR A 148 -28.53 21.29 -5.17
N ASP A 149 -27.73 21.40 -6.24
CA ASP A 149 -28.14 21.17 -7.66
C ASP A 149 -28.12 19.67 -8.01
N ASN A 150 -27.70 18.80 -7.07
CA ASN A 150 -27.61 17.34 -7.31
C ASN A 150 -26.43 17.05 -8.23
N ALA A 151 -25.55 18.03 -8.45
CA ALA A 151 -24.30 17.82 -9.22
C ALA A 151 -23.23 17.36 -8.24
N LEU A 152 -22.18 16.73 -8.75
CA LEU A 152 -21.01 16.29 -7.94
C LEU A 152 -20.00 17.43 -7.87
N TRP A 153 -19.63 17.82 -6.66
CA TRP A 153 -18.63 18.87 -6.36
C TRP A 153 -17.41 18.22 -5.72
N HIS A 154 -16.25 18.88 -5.82
CA HIS A 154 -15.00 18.46 -5.15
C HIS A 154 -14.20 19.68 -4.67
N ILE A 155 -13.34 19.44 -3.69
CA ILE A 155 -12.38 20.41 -3.08
C ILE A 155 -11.16 19.56 -2.71
N SER A 156 -9.98 20.17 -2.69
CA SER A 156 -8.70 19.43 -2.49
C SER A 156 -7.74 20.25 -1.63
N GLN A 157 -6.94 19.57 -0.81
CA GLN A 157 -5.63 20.08 -0.32
C GLN A 157 -4.86 20.59 -1.54
N THR A 158 -4.24 21.77 -1.45
CA THR A 158 -3.44 22.36 -2.56
C THR A 158 -1.98 21.96 -2.43
N ALA A 159 -1.57 21.38 -1.29
CA ALA A 159 -0.23 20.79 -1.05
C ALA A 159 -0.38 19.41 -0.40
N ALA A 160 0.68 18.60 -0.40
CA ALA A 160 0.72 17.23 0.17
C ALA A 160 0.32 17.26 1.65
N HIS A 161 -0.69 16.46 2.02
CA HIS A 161 -1.22 16.27 3.40
C HIS A 161 -1.32 17.59 4.17
N SER A 162 -1.91 18.63 3.58
CA SER A 162 -1.77 20.03 4.07
C SER A 162 -2.80 20.99 3.44
N GLY A 163 -3.23 21.97 4.24
CA GLY A 163 -3.87 23.20 3.76
C GLY A 163 -2.84 24.13 3.13
N PRO A 164 -3.27 25.26 2.53
CA PRO A 164 -4.69 25.62 2.47
C PRO A 164 -5.42 24.78 1.42
N TRP A 165 -6.76 24.79 1.46
CA TRP A 165 -7.62 24.00 0.55
C TRP A 165 -8.01 24.85 -0.65
N SER A 166 -8.24 24.21 -1.80
CA SER A 166 -8.69 24.82 -3.06
C SER A 166 -10.09 25.39 -2.87
N SER A 167 -10.65 25.99 -3.91
CA SER A 167 -12.09 26.35 -3.98
C SER A 167 -12.86 25.10 -4.41
N TRP A 168 -14.14 25.06 -4.08
CA TRP A 168 -15.10 24.05 -4.59
C TRP A 168 -15.23 24.21 -6.10
N GLN A 169 -15.31 23.09 -6.82
CA GLN A 169 -15.44 23.05 -8.28
C GLN A 169 -16.47 21.95 -8.56
N SER A 170 -17.20 22.09 -9.66
CA SER A 170 -18.30 21.18 -10.01
C SER A 170 -17.79 20.25 -11.11
N LEU A 171 -18.16 18.97 -11.05
CA LEU A 171 -17.98 17.99 -12.15
C LEU A 171 -19.35 17.71 -12.76
N ASN A 172 -20.33 18.58 -12.48
CA ASN A 172 -21.69 18.53 -13.09
C ASN A 172 -22.29 17.16 -12.77
N GLY A 173 -23.13 16.61 -13.65
CA GLY A 173 -23.84 15.33 -13.43
C GLY A 173 -25.09 15.59 -12.63
N VAL A 174 -25.98 14.59 -12.53
CA VAL A 174 -27.18 14.65 -11.65
C VAL A 174 -27.26 13.31 -10.93
N ILE A 175 -26.93 13.29 -9.64
CA ILE A 175 -26.70 12.02 -8.88
C ILE A 175 -27.74 11.91 -7.75
N THR A 176 -28.25 10.69 -7.57
CA THR A 176 -29.36 10.32 -6.65
C THR A 176 -28.84 9.35 -5.60
N SER A 177 -27.51 9.22 -5.48
CA SER A 177 -26.82 8.40 -4.44
C SER A 177 -25.64 9.18 -3.86
N ASN A 178 -25.11 8.70 -2.72
CA ASN A 178 -23.76 9.04 -2.21
C ASN A 178 -22.73 8.60 -3.24
N PRO A 179 -21.70 9.42 -3.53
CA PRO A 179 -20.59 9.00 -4.36
C PRO A 179 -19.63 8.00 -3.67
N ALA A 180 -18.93 7.21 -4.48
CA ALA A 180 -17.84 6.28 -4.08
C ALA A 180 -16.61 6.58 -4.94
N VAL A 181 -15.46 6.75 -4.31
CA VAL A 181 -14.20 7.10 -5.03
C VAL A 181 -13.16 5.99 -4.79
N HIS A 182 -12.41 5.66 -5.83
CA HIS A 182 -11.16 4.86 -5.74
C HIS A 182 -10.12 5.47 -6.68
N ILE A 183 -8.88 4.99 -6.63
CA ILE A 183 -7.83 5.38 -7.61
C ILE A 183 -7.68 4.25 -8.65
N ASN A 184 -7.49 4.63 -9.92
CA ASN A 184 -7.07 3.68 -10.98
C ASN A 184 -5.62 3.29 -10.69
N SER A 185 -5.20 2.16 -11.24
CA SER A 185 -3.84 1.59 -11.05
C SER A 185 -2.79 2.48 -11.75
N ASP A 186 -3.26 3.45 -12.56
CA ASP A 186 -2.40 4.46 -13.22
C ASP A 186 -2.50 5.81 -12.50
N GLY A 187 -3.09 5.86 -11.31
CA GLY A 187 -3.05 7.08 -10.46
C GLY A 187 -4.15 8.09 -10.76
N ARG A 188 -5.18 7.71 -11.54
CA ARG A 188 -6.33 8.60 -11.89
C ARG A 188 -7.53 8.26 -10.99
N LEU A 189 -8.00 9.23 -10.21
CA LEU A 189 -9.20 9.04 -9.34
C LEU A 189 -10.40 8.78 -10.25
N GLU A 190 -11.34 7.97 -9.77
CA GLU A 190 -12.56 7.62 -10.52
C GLU A 190 -13.72 7.63 -9.53
N VAL A 191 -14.77 8.38 -9.82
CA VAL A 191 -15.98 8.50 -8.97
C VAL A 191 -17.13 7.75 -9.64
N PHE A 192 -17.94 7.08 -8.84
CA PHE A 192 -19.14 6.32 -9.27
C PHE A 192 -20.36 6.84 -8.51
N ALA A 193 -21.49 7.02 -9.22
CA ALA A 193 -22.76 7.51 -8.61
C ALA A 193 -23.98 7.04 -9.40
N ARG A 194 -25.07 6.75 -8.70
CA ARG A 194 -26.40 6.51 -9.31
C ARG A 194 -26.89 7.83 -9.92
N GLY A 195 -27.44 7.77 -11.14
CA GLY A 195 -28.08 8.90 -11.84
C GLY A 195 -29.59 8.83 -11.74
N THR A 196 -30.26 9.81 -12.37
CA THR A 196 -31.71 10.05 -12.25
C THR A 196 -32.45 8.89 -12.91
N ASP A 197 -31.83 8.23 -13.90
CA ASP A 197 -32.35 6.97 -14.51
C ASP A 197 -32.07 5.73 -13.64
N ASN A 198 -31.32 5.85 -12.53
CA ASN A 198 -30.98 4.74 -11.58
C ASN A 198 -29.92 3.78 -12.16
N ALA A 199 -29.35 4.09 -13.33
CA ALA A 199 -28.16 3.39 -13.86
C ALA A 199 -26.96 3.89 -13.08
N LEU A 200 -25.85 3.16 -13.18
CA LEU A 200 -24.56 3.52 -12.55
C LEU A 200 -23.80 4.43 -13.51
N TRP A 201 -23.49 5.65 -13.08
CA TRP A 201 -22.64 6.59 -13.87
C TRP A 201 -21.27 6.69 -13.23
N HIS A 202 -20.27 7.15 -13.98
CA HIS A 202 -18.88 7.29 -13.46
C HIS A 202 -18.12 8.29 -14.29
N ILE A 203 -17.07 8.86 -13.70
CA ILE A 203 -16.26 10.00 -14.23
C ILE A 203 -14.83 9.83 -13.72
N TRP A 204 -13.82 10.22 -14.51
CA TRP A 204 -12.40 9.94 -14.16
C TRP A 204 -11.53 11.19 -14.37
N GLN A 205 -10.49 11.36 -13.54
CA GLN A 205 -9.40 12.34 -13.80
C GLN A 205 -8.79 12.00 -15.17
N THR A 206 -8.51 13.01 -15.99
CA THR A 206 -7.90 12.87 -17.35
C THR A 206 -6.42 12.51 -17.22
N ALA A 207 -5.76 13.01 -16.17
CA ALA A 207 -4.37 12.69 -15.80
C ALA A 207 -4.30 12.55 -14.28
N PRO A 208 -3.26 11.92 -13.71
CA PRO A 208 -3.03 11.98 -12.26
C PRO A 208 -2.87 13.44 -11.79
N ASP A 209 -3.49 13.78 -10.65
CA ASP A 209 -3.33 15.06 -9.90
C ASP A 209 -4.11 16.19 -10.56
N SER A 210 -4.91 15.89 -11.59
CA SER A 210 -5.52 16.85 -12.54
C SER A 210 -6.92 17.30 -12.06
N ASN A 211 -7.21 18.59 -12.16
CA ASN A 211 -8.57 19.16 -11.96
C ASN A 211 -9.40 19.00 -13.25
N GLN A 212 -8.81 18.48 -14.33
CA GLN A 212 -9.52 18.23 -15.61
C GLN A 212 -10.12 16.81 -15.56
N TRP A 213 -11.45 16.72 -15.63
CA TRP A 213 -12.16 15.42 -15.48
C TRP A 213 -12.85 15.07 -16.80
N SER A 214 -13.15 13.79 -16.98
CA SER A 214 -13.88 13.23 -18.16
C SER A 214 -15.36 13.64 -18.12
N GLY A 215 -16.06 13.41 -19.23
CA GLY A 215 -17.54 13.41 -19.23
C GLY A 215 -18.08 12.32 -18.31
N TRP A 216 -19.30 12.49 -17.82
CA TRP A 216 -20.07 11.39 -17.20
C TRP A 216 -20.36 10.32 -18.26
N ASP A 217 -20.27 9.05 -17.87
CA ASP A 217 -20.49 7.88 -18.74
C ASP A 217 -21.35 6.86 -17.97
N SER A 218 -22.38 6.30 -18.59
CA SER A 218 -23.30 5.31 -17.98
C SER A 218 -22.73 3.90 -18.09
N LEU A 219 -22.84 3.12 -17.01
CA LEU A 219 -22.50 1.68 -17.01
C LEU A 219 -23.80 0.88 -16.92
N GLY A 220 -24.94 1.53 -17.20
CA GLY A 220 -26.25 0.86 -17.28
C GLY A 220 -26.68 0.32 -15.93
N GLY A 221 -27.40 -0.80 -15.94
CA GLY A 221 -27.94 -1.48 -14.74
C GLY A 221 -29.03 -0.68 -14.07
N VAL A 222 -29.59 -1.25 -13.00
CA VAL A 222 -30.59 -0.61 -12.09
C VAL A 222 -30.03 -0.76 -10.68
N ILE A 223 -29.68 0.34 -10.00
CA ILE A 223 -29.04 0.22 -8.66
C ILE A 223 -29.95 0.84 -7.59
N THR A 224 -30.08 0.11 -6.47
CA THR A 224 -30.99 0.38 -5.33
C THR A 224 -30.15 0.48 -4.05
N SER A 225 -28.87 0.84 -4.22
CA SER A 225 -27.89 1.12 -3.13
C SER A 225 -26.80 2.05 -3.66
N ASP A 226 -26.07 2.72 -2.77
CA ASP A 226 -24.76 3.34 -3.10
C ASP A 226 -23.88 2.28 -3.75
N PRO A 227 -23.13 2.61 -4.82
CA PRO A 227 -22.11 1.70 -5.33
C PRO A 227 -20.94 1.66 -4.35
N VAL A 228 -20.26 0.52 -4.25
CA VAL A 228 -18.95 0.41 -3.56
C VAL A 228 -17.91 -0.05 -4.59
N VAL A 229 -16.74 0.55 -4.57
CA VAL A 229 -15.69 0.32 -5.59
C VAL A 229 -14.42 -0.18 -4.88
N ILE A 230 -13.76 -1.19 -5.42
CA ILE A 230 -12.41 -1.62 -4.94
C ILE A 230 -11.49 -1.88 -6.14
N GLY A 231 -10.17 -1.71 -5.96
CA GLY A 231 -9.14 -2.19 -6.89
C GLY A 231 -8.85 -3.66 -6.65
N THR A 232 -8.88 -4.48 -7.69
CA THR A 232 -8.53 -5.93 -7.64
C THR A 232 -7.01 -6.07 -7.49
N ALA A 233 -6.53 -7.28 -7.23
CA ALA A 233 -5.08 -7.59 -7.11
C ALA A 233 -4.37 -7.32 -8.44
N ASP A 234 -5.10 -7.27 -9.57
CA ASP A 234 -4.52 -7.10 -10.93
C ASP A 234 -4.86 -5.72 -11.49
N GLY A 235 -5.10 -4.73 -10.61
CA GLY A 235 -5.21 -3.29 -10.95
C GLY A 235 -6.46 -2.91 -11.75
N ARG A 236 -7.56 -3.65 -11.59
CA ARG A 236 -8.85 -3.36 -12.27
C ARG A 236 -9.86 -2.89 -11.21
N LEU A 237 -10.63 -1.84 -11.50
CA LEU A 237 -11.74 -1.41 -10.63
C LEU A 237 -12.89 -2.41 -10.79
N GLU A 238 -13.49 -2.82 -9.69
CA GLU A 238 -14.70 -3.65 -9.64
C GLU A 238 -15.70 -2.90 -8.76
N VAL A 239 -16.92 -2.69 -9.25
CA VAL A 239 -18.00 -1.98 -8.52
C VAL A 239 -19.08 -2.99 -8.17
N PHE A 240 -19.58 -2.91 -6.93
CA PHE A 240 -20.69 -3.74 -6.42
C PHE A 240 -21.85 -2.81 -6.06
N ALA A 241 -23.07 -3.32 -6.19
CA ALA A 241 -24.30 -2.58 -5.85
C ALA A 241 -25.45 -3.56 -5.75
N ARG A 242 -26.39 -3.31 -4.84
CA ARG A 242 -27.75 -3.90 -4.87
C ARG A 242 -28.46 -3.46 -6.15
N GLY A 243 -29.15 -4.38 -6.81
CA GLY A 243 -29.96 -4.11 -8.01
C GLY A 243 -31.43 -4.33 -7.74
N SER A 244 -32.23 -4.51 -8.80
CA SER A 244 -33.70 -4.29 -8.81
C SER A 244 -34.43 -5.40 -8.02
N ASN A 245 -33.96 -6.66 -8.07
CA ASN A 245 -34.62 -7.79 -7.34
C ASN A 245 -33.93 -7.98 -5.97
N ASN A 246 -33.22 -6.96 -5.47
CA ASN A 246 -32.46 -6.97 -4.19
C ASN A 246 -31.33 -8.01 -4.23
N ALA A 247 -30.90 -8.41 -5.42
CA ALA A 247 -29.72 -9.28 -5.61
C ALA A 247 -28.49 -8.38 -5.61
N LEU A 248 -27.33 -8.96 -5.32
CA LEU A 248 -26.03 -8.27 -5.45
C LEU A 248 -25.54 -8.42 -6.89
N TYR A 249 -25.08 -7.31 -7.50
CA TYR A 249 -24.55 -7.24 -8.88
C TYR A 249 -23.15 -6.63 -8.87
N HIS A 250 -22.29 -7.05 -9.79
CA HIS A 250 -20.96 -6.44 -10.00
C HIS A 250 -20.66 -6.28 -11.48
N ILE A 251 -19.75 -5.36 -11.76
CA ILE A 251 -19.29 -4.91 -13.10
C ILE A 251 -17.84 -4.48 -12.89
N TRP A 252 -16.94 -4.80 -13.82
CA TRP A 252 -15.47 -4.61 -13.63
C TRP A 252 -14.83 -4.10 -14.92
N GLN A 253 -13.75 -3.32 -14.78
CA GLN A 253 -12.80 -3.02 -15.87
C GLN A 253 -12.24 -4.34 -16.41
N THR A 254 -12.28 -4.58 -17.72
CA THR A 254 -11.83 -5.84 -18.38
C THR A 254 -10.32 -5.77 -18.58
N VAL A 255 -9.74 -4.56 -18.64
CA VAL A 255 -8.27 -4.31 -18.68
C VAL A 255 -7.90 -3.30 -17.60
N PRO A 256 -6.67 -3.37 -17.05
CA PRO A 256 -6.17 -2.36 -16.11
C PRO A 256 -6.42 -0.91 -16.54
N HIS A 257 -7.03 -0.14 -15.65
CA HIS A 257 -7.18 1.35 -15.68
C HIS A 257 -7.85 1.84 -16.97
N GLY A 258 -8.76 1.07 -17.57
CA GLY A 258 -9.52 1.55 -18.74
C GLY A 258 -10.68 0.66 -19.13
N GLY A 259 -11.48 1.15 -20.07
CA GLY A 259 -12.58 0.40 -20.73
C GLY A 259 -12.04 -0.64 -21.71
N PRO A 260 -12.91 -1.48 -22.30
CA PRO A 260 -14.34 -1.45 -21.97
C PRO A 260 -14.63 -2.10 -20.61
N TRP A 261 -15.76 -1.75 -20.00
CA TRP A 261 -16.29 -2.43 -18.79
C TRP A 261 -16.97 -3.71 -19.23
N SER A 262 -16.99 -4.69 -18.34
CA SER A 262 -17.76 -5.95 -18.48
C SER A 262 -19.26 -5.62 -18.56
N ASN A 263 -20.07 -6.63 -18.82
CA ASN A 263 -21.54 -6.56 -18.59
C ASN A 263 -21.74 -6.72 -17.08
N TRP A 264 -22.85 -6.19 -16.55
CA TRP A 264 -23.34 -6.54 -15.21
C TRP A 264 -23.46 -8.05 -15.06
N ALA A 265 -23.04 -8.57 -13.91
CA ALA A 265 -23.20 -9.98 -13.49
C ALA A 265 -23.88 -9.99 -12.12
N SER A 266 -24.64 -11.05 -11.83
CA SER A 266 -25.43 -11.20 -10.58
C SER A 266 -24.72 -12.17 -9.64
N LEU A 267 -24.66 -11.84 -8.34
CA LEU A 267 -24.17 -12.77 -7.29
C LEU A 267 -25.35 -13.26 -6.44
N ASN A 268 -26.57 -12.94 -6.86
CA ASN A 268 -27.85 -13.43 -6.25
C ASN A 268 -27.96 -12.94 -4.81
N GLY A 269 -28.41 -13.83 -3.91
CA GLY A 269 -28.91 -13.50 -2.56
C GLY A 269 -30.04 -12.48 -2.62
N VAL A 270 -30.57 -12.12 -1.45
CA VAL A 270 -31.59 -11.05 -1.27
C VAL A 270 -31.09 -10.16 -0.14
N ILE A 271 -30.69 -8.92 -0.43
CA ILE A 271 -29.97 -8.04 0.55
C ILE A 271 -30.78 -6.78 0.86
N THR A 272 -30.60 -6.25 2.07
CA THR A 272 -31.37 -5.14 2.68
C THR A 272 -30.39 -4.10 3.25
N SER A 273 -29.17 -4.05 2.73
CA SER A 273 -28.14 -3.01 3.05
C SER A 273 -27.27 -2.77 1.81
N ALA A 274 -26.48 -1.69 1.83
CA ALA A 274 -25.34 -1.52 0.91
C ALA A 274 -24.38 -2.68 1.14
N PRO A 275 -23.65 -3.12 0.11
CA PRO A 275 -22.62 -4.14 0.29
C PRO A 275 -21.32 -3.46 0.73
N ALA A 276 -20.54 -4.18 1.54
CA ALA A 276 -19.15 -3.82 1.89
C ALA A 276 -18.25 -4.87 1.27
N VAL A 277 -17.20 -4.39 0.59
CA VAL A 277 -16.26 -5.22 -0.21
C VAL A 277 -14.86 -4.98 0.32
N VAL A 278 -14.04 -6.01 0.32
CA VAL A 278 -12.63 -5.89 0.79
C VAL A 278 -11.84 -7.03 0.17
N LYS A 279 -10.52 -6.89 0.17
CA LYS A 279 -9.58 -7.90 -0.35
C LYS A 279 -9.01 -8.72 0.82
N ASN A 280 -9.12 -10.05 0.75
CA ASN A 280 -8.35 -10.97 1.62
C ASN A 280 -6.86 -10.77 1.36
N SER A 281 -6.01 -11.32 2.23
CA SER A 281 -4.54 -11.15 2.22
C SER A 281 -3.94 -11.81 0.97
N ASP A 282 -4.69 -12.72 0.36
CA ASP A 282 -4.33 -13.45 -0.89
C ASP A 282 -4.99 -12.86 -2.17
N GLY A 283 -5.73 -11.75 -2.09
CA GLY A 283 -6.28 -11.05 -3.27
C GLY A 283 -7.75 -11.37 -3.55
N ARG A 284 -8.29 -12.43 -2.94
CA ARG A 284 -9.70 -12.84 -3.16
C ARG A 284 -10.62 -11.78 -2.54
N LEU A 285 -11.48 -11.17 -3.34
CA LEU A 285 -12.51 -10.25 -2.86
C LEU A 285 -13.52 -11.01 -2.00
N GLU A 286 -14.05 -10.34 -0.99
CA GLU A 286 -15.14 -10.87 -0.14
C GLU A 286 -16.15 -9.74 -0.01
N VAL A 287 -17.44 -10.06 -0.12
CA VAL A 287 -18.54 -9.08 -0.01
C VAL A 287 -19.43 -9.49 1.17
N PHE A 288 -19.80 -8.50 1.97
CA PHE A 288 -20.64 -8.60 3.19
C PHE A 288 -21.91 -7.78 2.96
N ALA A 289 -23.08 -8.30 3.34
CA ALA A 289 -24.37 -7.58 3.23
C ALA A 289 -25.37 -8.08 4.26
N ARG A 290 -26.34 -7.25 4.63
CA ARG A 290 -27.46 -7.67 5.51
C ARG A 290 -28.50 -8.42 4.65
N GLY A 291 -29.00 -9.56 5.14
CA GLY A 291 -30.05 -10.34 4.47
C GLY A 291 -31.44 -9.95 4.97
N THR A 292 -32.47 -10.69 4.56
CA THR A 292 -33.90 -10.41 4.87
C THR A 292 -34.16 -10.70 6.34
N ASN A 293 -33.46 -11.67 6.96
CA ASN A 293 -33.57 -11.99 8.41
C ASN A 293 -32.78 -10.96 9.25
N ASN A 294 -32.10 -10.00 8.60
CA ASN A 294 -31.30 -8.92 9.25
C ASN A 294 -29.99 -9.49 9.82
N ALA A 295 -29.63 -10.70 9.43
CA ALA A 295 -28.29 -11.30 9.71
C ALA A 295 -27.28 -10.84 8.65
N LEU A 296 -26.00 -10.92 8.99
CA LEU A 296 -24.85 -10.62 8.09
C LEU A 296 -24.57 -11.84 7.22
N TYR A 297 -24.60 -11.65 5.90
CA TYR A 297 -24.21 -12.68 4.90
C TYR A 297 -22.90 -12.23 4.24
N HIS A 298 -22.14 -13.20 3.74
CA HIS A 298 -20.94 -12.98 2.90
C HIS A 298 -20.79 -14.05 1.81
N ILE A 299 -19.98 -13.69 0.82
CA ILE A 299 -19.73 -14.44 -0.42
C ILE A 299 -18.33 -14.00 -0.85
N TRP A 300 -17.51 -14.93 -1.34
CA TRP A 300 -16.08 -14.68 -1.60
C TRP A 300 -15.67 -15.37 -2.90
N GLN A 301 -14.66 -14.83 -3.55
CA GLN A 301 -13.94 -15.53 -4.64
C GLN A 301 -13.31 -16.78 -4.02
N THR A 302 -13.43 -17.92 -4.69
CA THR A 302 -12.75 -19.19 -4.33
C THR A 302 -11.47 -19.32 -5.16
N VAL A 303 -10.52 -20.10 -4.64
CA VAL A 303 -9.24 -20.54 -5.29
C VAL A 303 -8.26 -19.36 -5.34
N SER A 304 -8.63 -18.25 -5.99
CA SER A 304 -7.74 -17.07 -6.20
C SER A 304 -8.57 -15.89 -6.68
N HIS A 305 -7.95 -14.71 -6.77
CA HIS A 305 -8.55 -13.51 -7.39
C HIS A 305 -8.90 -13.84 -8.83
N SER A 306 -9.88 -13.15 -9.41
CA SER A 306 -10.47 -13.48 -10.74
C SER A 306 -10.74 -14.99 -10.85
N GLY A 307 -11.15 -15.64 -9.73
CA GLY A 307 -11.68 -17.01 -9.69
C GLY A 307 -13.20 -16.96 -9.51
N PRO A 308 -13.91 -18.11 -9.55
CA PRO A 308 -15.36 -18.14 -9.39
C PRO A 308 -15.81 -17.83 -7.95
N TRP A 309 -17.02 -17.32 -7.82
CA TRP A 309 -17.65 -16.93 -6.53
C TRP A 309 -18.25 -18.15 -5.84
N SER A 310 -18.20 -18.19 -4.51
CA SER A 310 -18.81 -19.22 -3.65
C SER A 310 -20.32 -18.98 -3.63
N ASN A 311 -21.07 -19.81 -2.90
CA ASN A 311 -22.45 -19.46 -2.51
C ASN A 311 -22.34 -18.59 -1.26
N TRP A 312 -23.36 -17.77 -1.02
CA TRP A 312 -23.54 -17.02 0.23
C TRP A 312 -23.48 -17.94 1.45
N ALA A 313 -22.97 -17.42 2.56
CA ALA A 313 -23.02 -18.04 3.89
C ALA A 313 -23.49 -16.96 4.87
N THR A 314 -24.14 -17.34 5.97
CA THR A 314 -24.57 -16.42 7.06
C THR A 314 -23.45 -16.36 8.10
N LEU A 315 -23.26 -15.21 8.73
CA LEU A 315 -22.43 -15.07 9.96
C LEU A 315 -23.33 -14.73 11.15
N ASN A 316 -24.65 -14.79 10.93
CA ASN A 316 -25.73 -14.59 11.93
C ASN A 316 -25.69 -13.13 12.42
N GLY A 317 -25.88 -12.90 13.73
CA GLY A 317 -26.13 -11.57 14.29
C GLY A 317 -27.46 -11.00 13.80
N THR A 318 -27.83 -9.83 14.28
CA THR A 318 -28.97 -9.01 13.81
C THR A 318 -28.45 -7.56 13.73
N ILE A 319 -28.47 -6.96 12.54
CA ILE A 319 -27.79 -5.66 12.31
C ILE A 319 -28.80 -4.62 11.76
N THR A 320 -28.55 -3.37 12.13
CA THR A 320 -29.40 -2.18 11.90
C THR A 320 -28.59 -1.16 11.08
N SER A 321 -27.53 -1.62 10.45
CA SER A 321 -26.72 -0.83 9.48
C SER A 321 -26.12 -1.79 8.45
N ALA A 322 -25.59 -1.22 7.38
CA ALA A 322 -24.71 -1.96 6.44
C ALA A 322 -23.47 -2.36 7.23
N PRO A 323 -22.84 -3.50 6.89
CA PRO A 323 -21.56 -3.85 7.52
C PRO A 323 -20.44 -2.98 6.94
N THR A 324 -19.33 -2.94 7.64
CA THR A 324 -18.07 -2.32 7.20
C THR A 324 -16.92 -3.27 7.48
N ALA A 325 -16.10 -3.52 6.47
CA ALA A 325 -15.01 -4.51 6.53
C ALA A 325 -13.67 -3.79 6.36
N VAL A 326 -12.63 -4.40 6.92
CA VAL A 326 -11.22 -3.93 6.80
C VAL A 326 -10.33 -5.14 7.15
N GLU A 327 -9.09 -5.13 6.69
CA GLU A 327 -8.08 -6.20 6.91
C GLU A 327 -7.17 -5.74 8.05
N ASP A 328 -7.02 -6.52 9.13
CA ASP A 328 -6.14 -6.14 10.27
C ASP A 328 -4.69 -6.53 9.95
N ALA A 329 -3.77 -6.19 10.86
CA ALA A 329 -2.30 -6.34 10.74
C ALA A 329 -1.92 -7.81 10.53
N ASP A 330 -2.85 -8.73 10.83
CA ASP A 330 -2.69 -10.20 10.81
C ASP A 330 -3.12 -10.78 9.46
N GLY A 331 -3.74 -9.98 8.60
CA GLY A 331 -4.33 -10.46 7.34
C GLY A 331 -5.70 -11.11 7.51
N ARG A 332 -6.38 -10.91 8.64
CA ARG A 332 -7.76 -11.41 8.84
C ARG A 332 -8.78 -10.30 8.60
N LEU A 333 -9.86 -10.57 7.87
CA LEU A 333 -10.98 -9.61 7.71
C LEU A 333 -11.66 -9.42 9.05
N GLU A 334 -11.98 -8.16 9.39
CA GLU A 334 -12.80 -7.73 10.53
C GLU A 334 -14.01 -6.96 10.01
N VAL A 335 -15.20 -7.28 10.52
CA VAL A 335 -16.49 -6.65 10.09
C VAL A 335 -17.14 -5.96 11.30
N PHE A 336 -17.74 -4.81 11.05
CA PHE A 336 -18.36 -3.95 12.09
C PHE A 336 -19.76 -3.61 11.58
N ALA A 337 -20.73 -3.56 12.50
CA ALA A 337 -22.15 -3.24 12.21
C ALA A 337 -22.84 -2.80 13.49
N ARG A 338 -23.88 -1.99 13.34
CA ARG A 338 -24.73 -1.58 14.47
C ARG A 338 -25.64 -2.77 14.80
N GLY A 339 -25.86 -3.05 16.09
CA GLY A 339 -26.86 -4.05 16.54
C GLY A 339 -28.20 -3.42 16.83
N THR A 340 -29.16 -4.19 17.36
CA THR A 340 -30.51 -3.70 17.76
C THR A 340 -30.42 -2.85 19.02
N ASP A 341 -29.40 -3.05 19.87
CA ASP A 341 -29.09 -2.17 21.03
C ASP A 341 -28.41 -0.85 20.59
N ASN A 342 -28.27 -0.60 19.28
CA ASN A 342 -27.56 0.59 18.72
C ASN A 342 -26.09 0.66 19.19
N ALA A 343 -25.50 -0.45 19.64
CA ALA A 343 -24.04 -0.55 19.89
C ALA A 343 -23.35 -1.05 18.61
N LEU A 344 -22.02 -0.91 18.57
CA LEU A 344 -21.19 -1.46 17.48
C LEU A 344 -20.75 -2.87 17.84
N TRP A 345 -20.99 -3.83 16.93
CA TRP A 345 -20.58 -5.25 17.05
C TRP A 345 -19.48 -5.55 16.02
N ASN A 346 -18.52 -6.40 16.39
CA ASN A 346 -17.35 -6.82 15.60
C ASN A 346 -17.39 -8.34 15.44
N ILE A 347 -16.93 -8.86 14.32
CA ILE A 347 -16.68 -10.31 14.12
C ILE A 347 -15.46 -10.39 13.22
N TRP A 348 -14.59 -11.38 13.42
CA TRP A 348 -13.33 -11.47 12.63
C TRP A 348 -13.14 -12.88 12.09
N GLN A 349 -12.45 -12.95 10.95
CA GLN A 349 -12.28 -14.19 10.14
C GLN A 349 -11.28 -15.10 10.89
N ALA A 350 -11.74 -15.66 12.01
CA ALA A 350 -10.92 -16.45 12.97
C ALA A 350 -10.72 -17.87 12.44
N TRP A 354 -15.76 -18.24 11.42
CA TRP A 354 -15.42 -16.92 11.99
C TRP A 354 -15.60 -16.93 13.52
N SER A 355 -15.16 -15.88 14.19
CA SER A 355 -15.28 -15.74 15.65
C SER A 355 -16.76 -15.56 16.02
N ALA A 356 -17.04 -15.63 17.32
CA ALA A 356 -18.27 -15.12 17.95
C ALA A 356 -18.35 -13.62 17.68
N TRP A 357 -19.58 -13.10 17.56
CA TRP A 357 -19.88 -11.66 17.61
C TRP A 357 -19.52 -11.10 19.00
N VAL A 358 -18.90 -9.92 19.05
CA VAL A 358 -18.55 -9.18 20.30
C VAL A 358 -19.00 -7.74 20.16
N SER A 359 -19.46 -7.14 21.27
CA SER A 359 -19.89 -5.73 21.38
C SER A 359 -18.70 -4.86 21.75
N LEU A 360 -18.54 -3.74 21.05
CA LEU A 360 -17.61 -2.64 21.39
C LEU A 360 -18.39 -1.58 22.17
N LYS A 361 -19.67 -1.83 22.46
CA LYS A 361 -20.52 -0.93 23.28
C LYS A 361 -20.75 0.37 22.50
N GLY A 362 -20.98 1.48 23.20
CA GLY A 362 -21.31 2.78 22.59
C GLY A 362 -22.74 2.81 22.11
N SER A 363 -23.19 3.96 21.59
CA SER A 363 -24.56 4.15 21.03
C SER A 363 -24.48 5.03 19.77
N LEU A 364 -24.69 4.43 18.60
CA LEU A 364 -24.41 5.02 17.26
C LEU A 364 -25.71 5.39 16.58
N ILE A 365 -25.71 6.42 15.75
CA ILE A 365 -26.91 6.80 14.93
C ILE A 365 -26.54 6.80 13.44
N ASP A 366 -27.55 6.62 12.60
CA ASP A 366 -27.46 6.60 11.11
C ASP A 366 -27.72 8.02 10.60
N ALA A 367 -26.67 8.83 10.48
CA ALA A 367 -26.73 10.27 10.12
C ALA A 367 -26.46 10.45 8.61
N SER A 368 -26.48 9.37 7.85
CA SER A 368 -26.33 9.39 6.36
C SER A 368 -27.19 10.54 5.80
N ALA A 369 -26.56 11.42 5.02
CA ALA A 369 -27.20 12.60 4.39
C ALA A 369 -28.23 12.17 3.36
N ILE A 370 -27.96 11.08 2.63
CA ILE A 370 -28.91 10.42 1.68
C ILE A 370 -29.27 9.05 2.24
N LYS A 371 -30.53 8.88 2.65
CA LYS A 371 -31.10 7.58 3.08
C LYS A 371 -32.06 7.06 2.00
N ILE B 29 32.06 -7.21 2.15
CA ILE B 29 30.58 -7.20 1.88
C ILE B 29 30.15 -8.55 1.29
N ALA B 30 29.13 -9.17 1.88
CA ALA B 30 28.48 -10.40 1.38
C ALA B 30 27.93 -10.16 -0.03
N LEU B 31 28.09 -11.17 -0.91
CA LEU B 31 27.49 -11.28 -2.26
C LEU B 31 26.09 -10.62 -2.30
N SER B 32 25.86 -9.75 -3.29
CA SER B 32 24.69 -8.84 -3.36
C SER B 32 23.51 -9.49 -4.09
N GLU B 33 22.32 -8.89 -3.98
CA GLU B 33 21.21 -9.10 -4.94
C GLU B 33 21.71 -8.83 -6.37
N ILE B 34 21.27 -9.66 -7.31
CA ILE B 34 21.65 -9.60 -8.74
C ILE B 34 20.51 -8.90 -9.52
N VAL B 35 19.27 -9.17 -9.12
CA VAL B 35 18.06 -8.51 -9.68
C VAL B 35 17.44 -7.55 -8.67
N SER B 36 16.77 -6.53 -9.19
CA SER B 36 15.76 -5.69 -8.49
C SER B 36 14.37 -6.16 -8.98
N VAL B 37 13.39 -6.25 -8.09
CA VAL B 37 12.03 -6.78 -8.39
C VAL B 37 10.99 -5.82 -7.84
N VAL B 38 9.85 -5.68 -8.54
CA VAL B 38 8.67 -4.88 -8.09
C VAL B 38 7.39 -5.60 -8.50
N ASN B 39 6.36 -5.52 -7.67
CA ASN B 39 4.96 -5.88 -8.04
C ASN B 39 4.38 -4.66 -8.72
N THR B 40 4.28 -4.69 -10.07
CA THR B 40 3.78 -3.57 -10.92
C THR B 40 2.31 -3.26 -10.55
N SER B 41 1.78 -2.17 -11.10
CA SER B 41 0.41 -1.66 -10.80
C SER B 41 -0.68 -2.66 -11.20
N ASP B 42 -0.38 -3.68 -12.01
CA ASP B 42 -1.40 -4.71 -12.42
C ASP B 42 -1.07 -6.10 -11.86
N GLY B 43 -0.32 -6.19 -10.76
CA GLY B 43 -0.08 -7.45 -10.03
C GLY B 43 0.81 -8.43 -10.80
N ARG B 44 1.56 -7.93 -11.78
CA ARG B 44 2.59 -8.69 -12.52
C ARG B 44 3.95 -8.35 -11.91
N ILE B 45 4.67 -9.35 -11.41
CA ILE B 45 6.09 -9.19 -11.01
C ILE B 45 6.91 -8.86 -12.27
N GLU B 46 7.88 -7.96 -12.14
CA GLU B 46 8.81 -7.54 -13.22
C GLU B 46 10.23 -7.53 -12.64
N VAL B 47 11.16 -8.21 -13.30
CA VAL B 47 12.57 -8.36 -12.86
C VAL B 47 13.49 -7.53 -13.75
N PHE B 48 14.42 -6.81 -13.14
CA PHE B 48 15.44 -5.99 -13.83
C PHE B 48 16.81 -6.49 -13.35
N GLY B 49 17.72 -6.74 -14.28
CA GLY B 49 19.10 -7.17 -13.99
C GLY B 49 20.04 -6.68 -15.08
N VAL B 50 21.33 -6.93 -14.90
CA VAL B 50 22.39 -6.60 -15.89
C VAL B 50 22.79 -7.86 -16.67
N GLY B 51 22.74 -7.77 -17.99
CA GLY B 51 23.25 -8.81 -18.91
C GLY B 51 24.73 -8.67 -19.18
N THR B 52 25.29 -9.68 -19.86
CA THR B 52 26.72 -9.82 -20.26
C THR B 52 27.13 -8.61 -21.12
N ASP B 53 26.17 -7.97 -21.78
CA ASP B 53 26.37 -6.72 -22.60
C ASP B 53 26.44 -5.46 -21.72
N ASN B 54 26.19 -5.57 -20.40
CA ASN B 54 26.15 -4.45 -19.43
C ASN B 54 24.97 -3.51 -19.71
N ALA B 55 23.93 -4.02 -20.38
CA ALA B 55 22.62 -3.32 -20.52
C ALA B 55 21.71 -3.78 -19.39
N VAL B 56 20.60 -3.06 -19.19
CA VAL B 56 19.53 -3.44 -18.23
C VAL B 56 18.48 -4.26 -19.00
N TRP B 57 18.20 -5.46 -18.52
CA TRP B 57 17.19 -6.35 -19.12
C TRP B 57 16.02 -6.44 -18.15
N HIS B 58 14.82 -6.61 -18.68
CA HIS B 58 13.66 -6.83 -17.79
C HIS B 58 12.85 -8.01 -18.31
N ASN B 59 12.28 -8.75 -17.38
CA ASN B 59 11.38 -9.92 -17.58
C ASN B 59 10.13 -9.66 -16.74
N ARG B 60 8.93 -9.93 -17.27
CA ARG B 60 7.63 -9.62 -16.61
C ARG B 60 6.72 -10.85 -16.69
N GLN B 61 6.07 -11.24 -15.61
CA GLN B 61 4.97 -12.25 -15.64
C GLN B 61 3.94 -11.87 -16.70
N THR B 62 3.41 -12.88 -17.43
CA THR B 62 2.34 -12.71 -18.46
C THR B 62 0.97 -12.62 -17.76
N ALA B 63 0.83 -13.18 -16.56
CA ALA B 63 -0.42 -13.21 -15.78
C ALA B 63 -0.13 -12.92 -14.31
N PRO B 64 -1.06 -12.28 -13.58
CA PRO B 64 -0.84 -11.95 -12.17
C PRO B 64 -1.06 -13.13 -11.22
N HIS B 65 -0.29 -14.21 -11.37
CA HIS B 65 -0.45 -15.46 -10.59
C HIS B 65 0.90 -16.14 -10.37
N SER B 66 1.07 -16.73 -9.19
CA SER B 66 2.17 -17.67 -8.82
C SER B 66 2.43 -18.68 -9.95
N GLY B 67 3.69 -18.79 -10.40
CA GLY B 67 4.12 -19.76 -11.42
C GLY B 67 3.55 -19.42 -12.79
N SER B 68 3.08 -18.19 -12.99
CA SER B 68 2.74 -17.63 -14.33
C SER B 68 3.94 -17.82 -15.28
N SER B 69 3.67 -17.81 -16.59
CA SER B 69 4.73 -17.76 -17.64
C SER B 69 5.26 -16.33 -17.73
N TRP B 70 6.48 -16.19 -18.24
CA TRP B 70 7.23 -14.90 -18.29
C TRP B 70 7.31 -14.43 -19.74
N THR B 71 7.24 -13.12 -19.96
CA THR B 71 7.28 -12.46 -21.29
C THR B 71 8.59 -12.80 -22.03
N GLY B 72 9.64 -13.19 -21.30
CA GLY B 72 10.99 -13.29 -21.88
C GLY B 72 11.73 -11.97 -21.75
N TRP B 73 13.06 -12.00 -21.86
CA TRP B 73 13.93 -10.85 -21.51
C TRP B 73 13.84 -9.80 -22.60
N ILE B 74 13.53 -8.55 -22.23
CA ILE B 74 13.53 -7.35 -23.12
C ILE B 74 14.58 -6.38 -22.58
N SER B 75 15.42 -5.83 -23.47
CA SER B 75 16.53 -4.91 -23.10
C SER B 75 16.06 -3.45 -23.10
N LEU B 76 16.51 -2.69 -22.08
CA LEU B 76 16.34 -1.21 -22.01
C LEU B 76 17.65 -0.53 -22.45
N ASN B 77 18.61 -1.31 -22.92
CA ASN B 77 19.89 -0.79 -23.47
C ASN B 77 20.67 -0.20 -22.29
N GLY B 78 21.46 0.85 -22.55
CA GLY B 78 22.36 1.45 -21.55
C GLY B 78 23.59 0.59 -21.35
N LYS B 79 24.63 1.18 -20.74
CA LYS B 79 25.83 0.49 -20.20
C LYS B 79 25.96 0.86 -18.72
N VAL B 80 25.84 -0.12 -17.81
CA VAL B 80 25.72 0.13 -16.34
C VAL B 80 26.83 -0.62 -15.58
N THR B 81 27.25 -0.07 -14.43
CA THR B 81 28.32 -0.56 -13.52
C THR B 81 27.85 -0.60 -12.06
N SER B 82 26.53 -0.60 -11.83
CA SER B 82 25.87 -0.87 -10.53
C SER B 82 24.75 -1.88 -10.76
N LYS B 83 24.27 -2.50 -9.67
CA LYS B 83 22.95 -3.16 -9.64
C LYS B 83 21.93 -2.07 -10.01
N PRO B 84 20.97 -2.38 -10.91
CA PRO B 84 19.93 -1.43 -11.26
C PRO B 84 18.83 -1.46 -10.17
N VAL B 85 18.32 -0.31 -9.75
CA VAL B 85 17.26 -0.24 -8.71
C VAL B 85 15.97 0.30 -9.33
N VAL B 86 14.91 -0.50 -9.24
CA VAL B 86 13.60 -0.14 -9.83
C VAL B 86 12.71 0.36 -8.70
N TYR B 87 11.86 1.32 -9.01
CA TYR B 87 10.84 1.82 -8.08
C TYR B 87 9.57 2.15 -8.87
N ILE B 88 8.42 1.91 -8.26
CA ILE B 88 7.10 2.28 -8.84
C ILE B 88 6.80 3.72 -8.40
N ASN B 89 6.66 4.64 -9.35
CA ASN B 89 6.12 6.01 -9.12
C ASN B 89 4.70 5.90 -8.53
N THR B 90 4.19 6.98 -7.95
CA THR B 90 2.84 6.98 -7.30
C THR B 90 1.74 6.75 -8.34
N ASP B 91 2.01 7.06 -9.61
CA ASP B 91 1.06 6.87 -10.74
C ASP B 91 1.27 5.52 -11.45
N GLY B 92 2.20 4.68 -10.98
CA GLY B 92 2.34 3.29 -11.45
C GLY B 92 3.36 3.13 -12.55
N ARG B 93 4.08 4.19 -12.90
CA ARG B 93 5.16 4.13 -13.92
C ARG B 93 6.46 3.66 -13.24
N LEU B 94 6.98 2.51 -13.63
CA LEU B 94 8.33 2.02 -13.23
C LEU B 94 9.37 3.04 -13.69
N GLU B 95 10.43 3.18 -12.91
CA GLU B 95 11.60 4.04 -13.18
C GLU B 95 12.82 3.26 -12.68
N VAL B 96 13.92 3.25 -13.44
CA VAL B 96 15.12 2.45 -13.10
C VAL B 96 16.33 3.37 -12.95
N PHE B 97 17.12 3.12 -11.91
CA PHE B 97 18.30 3.94 -11.52
C PHE B 97 19.52 3.02 -11.55
N ALA B 98 20.58 3.47 -12.18
CA ALA B 98 21.83 2.70 -12.37
C ALA B 98 23.00 3.67 -12.54
N ARG B 99 24.14 3.29 -11.99
CA ARG B 99 25.43 3.94 -12.30
C ARG B 99 25.82 3.64 -13.75
N GLY B 100 26.23 4.66 -14.49
CA GLY B 100 26.74 4.51 -15.86
C GLY B 100 28.21 4.10 -15.86
N THR B 101 28.83 4.07 -17.04
CA THR B 101 30.29 3.81 -17.24
C THR B 101 31.08 5.07 -16.86
N ASP B 102 30.46 6.25 -17.00
CA ASP B 102 31.00 7.57 -16.57
C ASP B 102 30.88 7.76 -15.04
N ASN B 103 30.35 6.78 -14.30
CA ASN B 103 30.17 6.79 -12.82
C ASN B 103 29.10 7.81 -12.39
N ALA B 104 28.34 8.37 -13.34
CA ALA B 104 27.18 9.24 -13.07
C ALA B 104 25.98 8.36 -12.69
N LEU B 105 24.94 8.95 -12.11
CA LEU B 105 23.61 8.29 -11.93
C LEU B 105 22.79 8.49 -13.21
N TRP B 106 22.27 7.40 -13.78
CA TRP B 106 21.37 7.42 -14.96
C TRP B 106 20.00 6.88 -14.56
N HIS B 107 18.95 7.32 -15.24
CA HIS B 107 17.58 6.77 -15.06
C HIS B 107 16.84 6.70 -16.40
N ILE B 108 15.90 5.75 -16.47
CA ILE B 108 14.96 5.51 -17.59
C ILE B 108 13.61 5.17 -16.95
N TRP B 109 12.51 5.57 -17.58
CA TRP B 109 11.17 5.46 -16.97
C TRP B 109 10.14 5.06 -18.03
N GLN B 110 9.10 4.35 -17.59
CA GLN B 110 7.89 4.07 -18.41
C GLN B 110 7.21 5.43 -18.68
N THR B 111 6.75 5.67 -19.91
CA THR B 111 6.07 6.93 -20.32
C THR B 111 4.58 6.83 -20.01
N ALA B 112 4.03 5.61 -20.06
CA ALA B 112 2.71 5.21 -19.52
C ALA B 112 2.87 3.99 -18.63
N THR B 113 1.92 3.77 -17.73
CA THR B 113 1.89 2.63 -16.76
C THR B 113 1.99 1.32 -17.54
N ASN B 114 3.04 0.53 -17.28
CA ASN B 114 3.24 -0.83 -17.85
C ASN B 114 3.26 -0.78 -19.38
N ALA B 115 3.82 0.30 -19.96
CA ALA B 115 3.86 0.56 -21.42
C ALA B 115 5.29 0.98 -21.83
N GLY B 116 5.42 1.76 -22.92
CA GLY B 116 6.71 2.08 -23.57
C GLY B 116 7.67 2.81 -22.65
N TRP B 117 8.98 2.72 -22.94
CA TRP B 117 10.08 3.27 -22.10
C TRP B 117 10.65 4.54 -22.73
N SER B 118 10.98 5.53 -21.91
CA SER B 118 11.78 6.71 -22.31
C SER B 118 13.17 6.25 -22.77
N ASN B 119 14.04 7.21 -23.09
CA ASN B 119 15.49 6.97 -23.26
C ASN B 119 16.16 7.21 -21.92
N TRP B 120 17.39 6.72 -21.79
CA TRP B 120 18.26 6.98 -20.62
C TRP B 120 18.53 8.47 -20.54
N GLN B 121 18.64 9.00 -19.32
CA GLN B 121 19.00 10.41 -19.04
C GLN B 121 19.93 10.41 -17.81
N SER B 122 20.94 11.28 -17.79
CA SER B 122 21.91 11.40 -16.67
C SER B 122 21.34 12.39 -15.65
N LEU B 123 21.48 12.07 -14.36
CA LEU B 123 21.28 13.00 -13.21
C LEU B 123 22.65 13.43 -12.65
N GLY B 124 23.73 13.00 -13.29
CA GLY B 124 25.11 13.47 -13.03
C GLY B 124 25.67 12.92 -11.74
N GLY B 125 26.52 13.70 -11.09
CA GLY B 125 27.23 13.28 -9.87
C GLY B 125 28.24 12.22 -10.24
N THR B 126 28.94 11.70 -9.25
CA THR B 126 29.95 10.61 -9.39
C THR B 126 29.71 9.71 -8.17
N ILE B 127 29.40 8.43 -8.38
CA ILE B 127 28.89 7.59 -7.28
C ILE B 127 29.70 6.28 -7.24
N THR B 128 29.85 5.74 -6.04
CA THR B 128 30.77 4.62 -5.72
C THR B 128 29.97 3.54 -5.00
N SER B 129 28.65 3.51 -5.23
CA SER B 129 27.73 2.52 -4.61
C SER B 129 26.57 2.25 -5.55
N ASN B 130 25.84 1.17 -5.27
CA ASN B 130 24.48 0.95 -5.81
C ASN B 130 23.61 2.10 -5.34
N PRO B 131 22.72 2.64 -6.19
CA PRO B 131 21.72 3.56 -5.68
C PRO B 131 20.74 2.83 -4.75
N ALA B 132 20.05 3.62 -3.93
CA ALA B 132 18.92 3.17 -3.09
C ALA B 132 17.81 4.20 -3.28
N VAL B 133 16.56 3.73 -3.41
CA VAL B 133 15.46 4.58 -3.92
C VAL B 133 14.23 4.33 -3.06
N TYR B 134 13.60 5.40 -2.61
CA TYR B 134 12.27 5.37 -1.96
C TYR B 134 11.51 6.59 -2.47
N VAL B 135 10.22 6.65 -2.16
CA VAL B 135 9.33 7.78 -2.53
C VAL B 135 8.95 8.54 -1.25
N ASN B 136 9.01 9.86 -1.30
CA ASN B 136 8.51 10.74 -0.21
C ASN B 136 6.99 10.64 -0.15
N THR B 137 6.40 11.21 0.89
CA THR B 137 4.94 11.18 1.14
C THR B 137 4.22 12.07 0.11
N ASP B 138 4.94 12.96 -0.59
CA ASP B 138 4.37 13.86 -1.64
C ASP B 138 4.58 13.28 -3.04
N GLY B 139 5.10 12.05 -3.14
CA GLY B 139 5.24 11.31 -4.42
C GLY B 139 6.54 11.60 -5.15
N ARG B 140 7.42 12.39 -4.55
CA ARG B 140 8.78 12.69 -5.07
C ARG B 140 9.71 11.53 -4.69
N ILE B 141 10.28 10.86 -5.68
CA ILE B 141 11.36 9.85 -5.51
C ILE B 141 12.59 10.57 -4.95
N ASP B 142 13.22 9.99 -3.93
CA ASP B 142 14.56 10.37 -3.40
C ASP B 142 15.52 9.23 -3.77
N VAL B 143 16.70 9.56 -4.31
CA VAL B 143 17.77 8.57 -4.62
C VAL B 143 18.98 8.87 -3.73
N PHE B 144 19.60 7.84 -3.17
CA PHE B 144 20.77 7.88 -2.24
C PHE B 144 21.88 7.03 -2.86
N ALA B 145 23.12 7.50 -2.78
CA ALA B 145 24.31 6.83 -3.33
C ALA B 145 25.57 7.34 -2.62
N ARG B 146 26.53 6.48 -2.36
CA ARG B 146 27.86 6.92 -1.87
C ARG B 146 28.50 7.76 -2.98
N GLY B 147 29.19 8.86 -2.61
CA GLY B 147 30.00 9.69 -3.52
C GLY B 147 31.48 9.30 -3.45
N THR B 148 32.35 10.01 -4.18
CA THR B 148 33.83 9.74 -4.25
C THR B 148 34.47 10.03 -2.88
N ASP B 149 33.90 10.94 -2.08
CA ASP B 149 34.35 11.28 -0.69
C ASP B 149 33.83 10.26 0.33
N ASN B 150 33.24 9.14 -0.09
CA ASN B 150 32.67 8.08 0.78
C ASN B 150 31.52 8.61 1.65
N ALA B 151 30.95 9.77 1.31
CA ALA B 151 29.81 10.36 2.01
C ALA B 151 28.53 9.79 1.41
N LEU B 152 27.39 9.99 2.07
CA LEU B 152 26.05 9.72 1.51
C LEU B 152 25.55 10.96 0.76
N TRP B 153 25.25 10.85 -0.53
CA TRP B 153 24.61 11.93 -1.32
C TRP B 153 23.16 11.56 -1.64
N HIS B 154 22.34 12.55 -1.96
CA HIS B 154 20.93 12.32 -2.35
C HIS B 154 20.47 13.37 -3.36
N ILE B 155 19.41 13.06 -4.08
CA ILE B 155 18.83 13.89 -5.18
C ILE B 155 17.39 13.45 -5.33
N SER B 156 16.47 14.32 -5.77
CA SER B 156 15.01 14.07 -5.70
C SER B 156 14.29 14.75 -6.86
N GLN B 157 13.23 14.12 -7.36
CA GLN B 157 12.20 14.78 -8.19
C GLN B 157 11.74 16.02 -7.40
N THR B 158 11.38 17.11 -8.09
CA THR B 158 10.96 18.38 -7.46
C THR B 158 9.43 18.53 -7.55
N ALA B 159 8.77 17.55 -8.17
CA ALA B 159 7.29 17.43 -8.18
C ALA B 159 6.92 15.94 -8.23
N ALA B 160 5.70 15.60 -7.85
CA ALA B 160 5.17 14.21 -7.82
C ALA B 160 5.41 13.50 -9.16
N HIS B 161 6.18 12.42 -9.11
CA HIS B 161 6.46 11.48 -10.22
C HIS B 161 6.89 12.23 -11.49
N SER B 162 7.71 13.27 -11.37
CA SER B 162 8.05 14.15 -12.51
C SER B 162 9.37 14.92 -12.27
N GLY B 163 10.13 15.16 -13.35
CA GLY B 163 11.20 16.18 -13.39
C GLY B 163 10.65 17.59 -13.20
N PRO B 164 11.51 18.62 -13.03
CA PRO B 164 12.96 18.43 -13.04
C PRO B 164 13.44 17.83 -11.71
N TRP B 165 14.68 17.36 -11.69
CA TRP B 165 15.35 16.81 -10.48
C TRP B 165 16.09 17.93 -9.75
N SER B 166 16.17 17.80 -8.44
CA SER B 166 16.92 18.71 -7.54
C SER B 166 18.41 18.55 -7.85
N SER B 167 19.24 19.37 -7.22
CA SER B 167 20.71 19.26 -7.29
C SER B 167 21.16 18.27 -6.21
N TRP B 168 22.29 17.61 -6.43
CA TRP B 168 22.89 16.69 -5.43
C TRP B 168 23.13 17.46 -4.13
N GLN B 169 22.82 16.82 -3.01
CA GLN B 169 23.05 17.36 -1.65
C GLN B 169 23.72 16.25 -0.84
N SER B 170 24.66 16.62 0.02
CA SER B 170 25.38 15.66 0.91
C SER B 170 24.64 15.55 2.24
N LEU B 171 24.60 14.34 2.79
CA LEU B 171 24.20 14.05 4.19
C LEU B 171 25.44 13.64 4.97
N ASN B 172 26.63 13.81 4.37
CA ASN B 172 27.93 13.67 5.07
C ASN B 172 28.09 12.20 5.49
N GLY B 173 28.78 11.94 6.59
CA GLY B 173 29.12 10.57 7.01
C GLY B 173 30.17 9.95 6.12
N VAL B 174 30.67 8.79 6.55
CA VAL B 174 31.68 7.97 5.82
C VAL B 174 31.14 6.55 5.85
N ILE B 175 30.83 5.97 4.69
CA ILE B 175 30.10 4.67 4.58
C ILE B 175 30.92 3.70 3.72
N THR B 176 30.94 2.43 4.14
CA THR B 176 31.68 1.30 3.52
C THR B 176 30.69 0.22 3.07
N SER B 177 29.45 0.62 2.77
CA SER B 177 28.42 -0.26 2.17
C SER B 177 27.44 0.55 1.32
N ASN B 178 26.63 -0.19 0.56
CA ASN B 178 25.43 0.33 -0.12
C ASN B 178 24.47 0.82 0.97
N PRO B 179 23.90 2.03 0.83
CA PRO B 179 22.82 2.45 1.72
C PRO B 179 21.54 1.62 1.47
N ALA B 180 20.75 1.43 2.53
CA ALA B 180 19.36 0.94 2.48
C ALA B 180 18.44 2.06 3.00
N VAL B 181 17.26 2.21 2.40
CA VAL B 181 16.31 3.31 2.74
C VAL B 181 14.93 2.69 2.93
N HIS B 182 14.20 3.18 3.91
CA HIS B 182 12.75 2.86 4.09
C HIS B 182 12.06 4.12 4.60
N ILE B 183 10.73 4.13 4.59
CA ILE B 183 9.97 5.27 5.17
C ILE B 183 9.52 4.85 6.56
N ASN B 184 9.53 5.77 7.51
CA ASN B 184 8.88 5.57 8.83
C ASN B 184 7.37 5.58 8.64
N SER B 185 6.65 5.14 9.65
CA SER B 185 5.16 5.11 9.69
C SER B 185 4.64 6.52 9.99
N ASP B 186 5.51 7.53 10.10
CA ASP B 186 5.10 8.96 10.21
C ASP B 186 5.54 9.74 8.97
N GLY B 187 5.98 9.07 7.90
CA GLY B 187 6.33 9.73 6.62
C GLY B 187 7.79 10.17 6.53
N ARG B 188 8.64 9.91 7.52
CA ARG B 188 10.05 10.35 7.49
C ARG B 188 10.92 9.22 6.89
N LEU B 189 11.62 9.49 5.80
CA LEU B 189 12.67 8.59 5.25
C LEU B 189 13.79 8.41 6.27
N GLU B 190 14.35 7.21 6.30
CA GLU B 190 15.46 6.78 7.17
C GLU B 190 16.42 5.93 6.32
N VAL B 191 17.69 6.27 6.33
CA VAL B 191 18.76 5.61 5.54
C VAL B 191 19.68 4.86 6.53
N PHE B 192 20.08 3.65 6.18
CA PHE B 192 20.96 2.79 6.99
C PHE B 192 22.21 2.50 6.16
N ALA B 193 23.35 2.35 6.83
CA ALA B 193 24.65 2.14 6.16
C ALA B 193 25.69 1.65 7.16
N ARG B 194 26.57 0.76 6.70
CA ARG B 194 27.82 0.43 7.44
C ARG B 194 28.75 1.65 7.44
N GLY B 195 29.33 1.93 8.61
CA GLY B 195 30.35 2.98 8.82
C GLY B 195 31.75 2.40 8.80
N THR B 196 32.77 3.23 9.00
CA THR B 196 34.20 2.84 8.96
C THR B 196 34.49 1.86 10.11
N ASP B 197 33.69 1.91 11.18
CA ASP B 197 33.80 1.00 12.36
C ASP B 197 33.12 -0.35 12.08
N ASN B 198 32.53 -0.54 10.89
CA ASN B 198 31.77 -1.77 10.54
C ASN B 198 30.51 -1.87 11.41
N ALA B 199 30.08 -0.76 12.02
CA ALA B 199 28.84 -0.65 12.81
C ALA B 199 27.70 -0.16 11.91
N LEU B 200 26.46 -0.48 12.27
CA LEU B 200 25.25 0.02 11.56
C LEU B 200 25.00 1.48 11.95
N TRP B 201 25.13 2.42 11.01
CA TRP B 201 24.73 3.83 11.22
C TRP B 201 23.41 4.12 10.49
N HIS B 202 22.78 5.23 10.86
CA HIS B 202 21.51 5.70 10.25
C HIS B 202 21.30 7.19 10.51
N ILE B 203 20.41 7.77 9.71
CA ILE B 203 20.16 9.22 9.60
C ILE B 203 18.72 9.33 9.08
N TRP B 204 17.96 10.35 9.44
CA TRP B 204 16.51 10.35 9.15
C TRP B 204 16.07 11.77 8.82
N GLN B 205 15.05 11.89 7.98
CA GLN B 205 14.36 13.17 7.75
C GLN B 205 13.79 13.64 9.08
N THR B 206 13.75 14.96 9.28
CA THR B 206 13.25 15.62 10.51
C THR B 206 11.74 15.80 10.37
N ALA B 207 11.27 16.00 9.14
CA ALA B 207 9.82 16.11 8.79
C ALA B 207 9.56 15.36 7.48
N PRO B 208 8.35 14.78 7.27
CA PRO B 208 8.01 14.17 5.99
C PRO B 208 8.31 15.16 4.84
N ASP B 209 9.06 14.71 3.84
CA ASP B 209 9.31 15.40 2.52
C ASP B 209 10.41 16.46 2.65
N SER B 210 11.13 16.48 3.78
CA SER B 210 12.10 17.55 4.17
C SER B 210 13.49 17.25 3.57
N ASN B 211 14.24 18.31 3.25
CA ASN B 211 15.69 18.24 2.89
C ASN B 211 16.54 18.40 4.16
N GLN B 212 15.91 18.66 5.32
CA GLN B 212 16.56 18.82 6.65
C GLN B 212 16.64 17.45 7.31
N TRP B 213 17.84 16.87 7.35
CA TRP B 213 18.10 15.52 7.92
C TRP B 213 18.69 15.64 9.33
N SER B 214 18.40 14.67 10.20
CA SER B 214 19.03 14.50 11.54
C SER B 214 20.55 14.48 11.41
N GLY B 215 21.25 14.35 12.53
CA GLY B 215 22.65 13.92 12.56
C GLY B 215 22.74 12.41 12.42
N TRP B 216 23.93 11.90 12.09
CA TRP B 216 24.19 10.45 12.05
C TRP B 216 24.16 9.86 13.46
N ASP B 217 23.70 8.62 13.56
CA ASP B 217 23.49 7.91 14.83
C ASP B 217 23.94 6.47 14.60
N SER B 218 24.61 5.86 15.57
CA SER B 218 25.15 4.48 15.50
C SER B 218 24.23 3.54 16.26
N LEU B 219 23.91 2.40 15.68
CA LEU B 219 23.13 1.31 16.32
C LEU B 219 24.12 0.21 16.76
N GLY B 220 25.41 0.41 16.44
CA GLY B 220 26.51 -0.44 16.89
C GLY B 220 26.53 -1.75 16.13
N GLY B 221 26.83 -2.85 16.83
CA GLY B 221 27.08 -4.18 16.24
C GLY B 221 28.27 -4.14 15.28
N VAL B 222 28.62 -5.30 14.70
CA VAL B 222 29.68 -5.46 13.67
C VAL B 222 29.09 -6.30 12.52
N ILE B 223 28.96 -5.73 11.33
CA ILE B 223 28.20 -6.34 10.20
C ILE B 223 29.09 -6.48 8.96
N THR B 224 28.91 -7.57 8.21
CA THR B 224 29.72 -7.93 7.01
C THR B 224 28.81 -8.18 5.81
N SER B 225 27.63 -7.59 5.84
CA SER B 225 26.68 -7.44 4.70
C SER B 225 26.21 -6.00 4.68
N ASP B 226 25.72 -5.55 3.52
CA ASP B 226 24.76 -4.42 3.40
C ASP B 226 23.64 -4.67 4.38
N PRO B 227 23.11 -3.63 5.05
CA PRO B 227 21.90 -3.78 5.87
C PRO B 227 20.69 -3.86 4.94
N VAL B 228 19.68 -4.61 5.38
CA VAL B 228 18.34 -4.69 4.72
C VAL B 228 17.31 -4.30 5.78
N VAL B 229 16.41 -3.38 5.45
CA VAL B 229 15.43 -2.76 6.39
C VAL B 229 14.04 -3.06 5.87
N ILE B 230 13.08 -3.33 6.76
CA ILE B 230 11.65 -3.44 6.40
C ILE B 230 10.79 -2.79 7.49
N GLY B 231 9.63 -2.25 7.10
CA GLY B 231 8.56 -1.83 8.01
C GLY B 231 7.73 -3.04 8.42
N THR B 232 7.56 -3.25 9.72
CA THR B 232 6.68 -4.32 10.27
C THR B 232 5.21 -3.90 10.16
N ALA B 233 4.33 -4.86 10.40
CA ALA B 233 2.86 -4.70 10.30
C ALA B 233 2.39 -3.65 11.31
N ASP B 234 3.19 -3.35 12.35
CA ASP B 234 2.86 -2.37 13.42
C ASP B 234 3.75 -1.11 13.34
N GLY B 235 4.31 -0.79 12.18
CA GLY B 235 4.87 0.55 11.91
C GLY B 235 6.24 0.78 12.53
N ARG B 236 7.03 -0.29 12.72
CA ARG B 236 8.39 -0.24 13.30
C ARG B 236 9.40 -0.71 12.25
N LEU B 237 10.46 0.07 12.00
CA LEU B 237 11.61 -0.39 11.17
C LEU B 237 12.32 -1.55 11.91
N GLU B 238 12.61 -2.64 11.19
CA GLU B 238 13.51 -3.72 11.63
C GLU B 238 14.64 -3.80 10.59
N VAL B 239 15.89 -3.92 11.04
CA VAL B 239 17.08 -3.98 10.15
C VAL B 239 17.73 -5.35 10.30
N PHE B 240 18.10 -5.97 9.17
CA PHE B 240 18.78 -7.29 9.12
C PHE B 240 20.16 -7.13 8.47
N ALA B 241 21.17 -7.79 9.04
CA ALA B 241 22.58 -7.75 8.59
C ALA B 241 23.30 -9.04 8.97
N ARG B 242 24.30 -9.44 8.18
CA ARG B 242 25.23 -10.55 8.51
C ARG B 242 26.27 -10.02 9.51
N GLY B 243 26.48 -10.75 10.60
CA GLY B 243 27.47 -10.42 11.64
C GLY B 243 28.84 -11.01 11.33
N SER B 244 29.83 -10.77 12.20
CA SER B 244 31.27 -11.05 11.92
C SER B 244 31.55 -12.55 12.00
N ASN B 245 30.62 -13.33 12.59
CA ASN B 245 30.66 -14.81 12.63
C ASN B 245 29.82 -15.39 11.46
N ASN B 246 29.41 -14.53 10.52
CA ASN B 246 28.59 -14.92 9.34
C ASN B 246 27.20 -15.41 9.76
N ALA B 247 26.74 -15.04 10.96
CA ALA B 247 25.36 -15.29 11.45
C ALA B 247 24.45 -14.13 11.02
N LEU B 248 23.14 -14.39 10.99
CA LEU B 248 22.09 -13.37 10.73
C LEU B 248 21.77 -12.64 12.04
N TYR B 249 21.94 -11.32 12.06
CA TYR B 249 21.50 -10.45 13.17
C TYR B 249 20.38 -9.53 12.69
N HIS B 250 19.53 -9.13 13.63
CA HIS B 250 18.48 -8.10 13.42
C HIS B 250 18.40 -7.21 14.66
N ILE B 251 17.93 -5.98 14.46
CA ILE B 251 17.69 -4.97 15.53
C ILE B 251 16.42 -4.24 15.10
N TRP B 252 15.71 -3.56 16.01
CA TRP B 252 14.42 -2.91 15.66
C TRP B 252 14.15 -1.65 16.50
N GLN B 253 13.35 -0.73 15.94
CA GLN B 253 12.62 0.31 16.71
C GLN B 253 11.73 -0.40 17.73
N THR B 254 11.71 0.09 18.98
CA THR B 254 10.91 -0.49 20.11
C THR B 254 9.53 0.18 20.14
N VAL B 255 9.40 1.38 19.58
CA VAL B 255 8.11 2.11 19.38
C VAL B 255 7.98 2.54 17.92
N PRO B 256 6.74 2.66 17.38
CA PRO B 256 6.53 3.20 16.03
C PRO B 256 7.26 4.53 15.76
N HIS B 257 8.08 4.56 14.70
CA HIS B 257 8.69 5.77 14.07
C HIS B 257 9.61 6.54 15.02
N GLY B 258 10.53 5.86 15.71
CA GLY B 258 11.60 6.52 16.47
C GLY B 258 12.29 5.60 17.47
N GLY B 259 13.28 6.13 18.19
CA GLY B 259 14.04 5.42 19.24
C GLY B 259 13.18 5.17 20.49
N PRO B 260 13.71 4.43 21.49
CA PRO B 260 14.99 3.74 21.36
C PRO B 260 14.88 2.49 20.47
N TRP B 261 16.03 2.08 19.90
CA TRP B 261 16.21 0.78 19.22
C TRP B 261 16.47 -0.31 20.26
N SER B 262 16.15 -1.55 19.93
CA SER B 262 16.43 -2.75 20.76
C SER B 262 17.93 -3.03 20.78
N ASN B 263 18.35 -4.04 21.53
CA ASN B 263 19.70 -4.64 21.39
C ASN B 263 19.67 -5.44 20.09
N TRP B 264 20.84 -5.65 19.46
CA TRP B 264 21.01 -6.67 18.41
C TRP B 264 20.61 -8.02 19.02
N ALA B 265 20.03 -8.89 18.21
CA ALA B 265 19.75 -10.30 18.51
C ALA B 265 20.24 -11.14 17.33
N SER B 266 20.65 -12.39 17.59
CA SER B 266 21.07 -13.34 16.54
C SER B 266 19.88 -14.24 16.19
N LEU B 267 19.78 -14.61 14.92
CA LEU B 267 18.99 -15.78 14.46
C LEU B 267 19.98 -16.84 13.96
N ASN B 268 21.24 -16.69 14.37
CA ASN B 268 22.30 -17.71 14.14
C ASN B 268 22.36 -17.99 12.64
N GLY B 269 22.52 -19.27 12.25
CA GLY B 269 22.80 -19.66 10.87
C GLY B 269 24.16 -19.18 10.41
N VAL B 270 24.56 -19.62 9.22
CA VAL B 270 25.81 -19.20 8.53
C VAL B 270 25.38 -18.85 7.11
N ILE B 271 25.63 -17.62 6.67
CA ILE B 271 25.15 -17.14 5.35
C ILE B 271 26.32 -16.55 4.56
N THR B 272 26.29 -16.71 3.24
CA THR B 272 27.37 -16.35 2.30
C THR B 272 26.83 -15.34 1.29
N SER B 273 25.70 -14.70 1.63
CA SER B 273 25.06 -13.63 0.83
C SER B 273 24.48 -12.58 1.77
N ALA B 274 24.24 -11.37 1.23
CA ALA B 274 23.27 -10.42 1.80
C ALA B 274 21.98 -11.19 2.08
N PRO B 275 21.32 -10.99 3.26
CA PRO B 275 19.98 -11.52 3.48
C PRO B 275 18.94 -10.62 2.79
N ALA B 276 17.88 -11.22 2.25
CA ALA B 276 16.69 -10.49 1.74
C ALA B 276 15.51 -10.78 2.66
N VAL B 277 14.83 -9.73 3.12
CA VAL B 277 13.65 -9.80 4.05
C VAL B 277 12.39 -9.36 3.30
N VAL B 278 11.27 -10.01 3.57
CA VAL B 278 9.94 -9.68 2.98
C VAL B 278 8.88 -10.02 4.01
N LYS B 279 7.73 -9.34 3.94
CA LYS B 279 6.58 -9.53 4.85
C LYS B 279 5.61 -10.50 4.17
N ASN B 280 5.19 -11.56 4.85
CA ASN B 280 4.13 -12.48 4.34
C ASN B 280 2.81 -11.71 4.30
N SER B 281 1.82 -12.24 3.57
CA SER B 281 0.47 -11.67 3.38
C SER B 281 -0.17 -11.35 4.74
N ASP B 282 0.14 -12.14 5.78
CA ASP B 282 -0.33 -11.95 7.19
C ASP B 282 0.68 -11.18 8.05
N GLY B 283 1.72 -10.56 7.47
CA GLY B 283 2.64 -9.70 8.25
C GLY B 283 3.82 -10.43 8.88
N ARG B 284 3.87 -11.76 8.84
CA ARG B 284 5.03 -12.53 9.38
C ARG B 284 6.25 -12.23 8.49
N LEU B 285 7.33 -11.72 9.06
CA LEU B 285 8.61 -11.50 8.34
C LEU B 285 9.22 -12.86 7.96
N GLU B 286 10.05 -12.87 6.93
CA GLU B 286 10.69 -14.07 6.36
C GLU B 286 11.99 -13.61 5.74
N VAL B 287 13.10 -14.29 6.06
CA VAL B 287 14.46 -13.92 5.57
C VAL B 287 15.03 -15.07 4.75
N PHE B 288 15.73 -14.70 3.67
CA PHE B 288 16.32 -15.60 2.66
C PHE B 288 17.79 -15.23 2.48
N ALA B 289 18.65 -16.23 2.29
CA ALA B 289 20.12 -16.06 2.25
C ALA B 289 20.76 -17.33 1.68
N ARG B 290 21.87 -17.18 0.97
CA ARG B 290 22.65 -18.34 0.49
C ARG B 290 23.36 -18.99 1.68
N GLY B 291 23.38 -20.32 1.73
CA GLY B 291 24.17 -21.11 2.69
C GLY B 291 25.62 -21.27 2.25
N THR B 292 26.43 -22.00 3.04
CA THR B 292 27.86 -22.31 2.74
C THR B 292 27.95 -23.28 1.56
N ASN B 293 26.94 -24.15 1.40
CA ASN B 293 26.75 -25.09 0.26
C ASN B 293 26.13 -24.39 -0.96
N ASN B 294 25.97 -23.06 -0.94
CA ASN B 294 25.51 -22.25 -2.12
C ASN B 294 24.03 -22.52 -2.43
N ALA B 295 23.29 -23.11 -1.48
CA ALA B 295 21.84 -23.36 -1.61
C ALA B 295 21.09 -22.19 -0.98
N LEU B 296 19.77 -22.09 -1.24
CA LEU B 296 18.87 -21.06 -0.66
C LEU B 296 18.38 -21.54 0.71
N TYR B 297 18.62 -20.77 1.77
CA TYR B 297 18.07 -21.03 3.12
C TYR B 297 17.08 -19.92 3.46
N HIS B 298 16.04 -20.22 4.25
CA HIS B 298 15.04 -19.23 4.74
C HIS B 298 14.65 -19.52 6.18
N ILE B 299 14.23 -18.49 6.90
CA ILE B 299 13.78 -18.52 8.33
C ILE B 299 12.64 -17.51 8.49
N TRP B 300 11.64 -17.80 9.31
CA TRP B 300 10.39 -17.01 9.34
C TRP B 300 9.86 -16.87 10.76
N GLN B 301 9.11 -15.79 11.00
CA GLN B 301 8.26 -15.61 12.19
C GLN B 301 7.12 -16.61 12.10
N THR B 302 6.75 -17.20 13.24
CA THR B 302 5.66 -18.19 13.36
C THR B 302 4.51 -17.53 14.12
N VAL B 303 3.32 -18.12 14.01
CA VAL B 303 2.07 -17.77 14.76
C VAL B 303 1.53 -16.44 14.21
N SER B 304 2.20 -15.32 14.51
CA SER B 304 1.78 -13.95 14.13
C SER B 304 3.01 -13.09 13.81
N HIS B 305 2.77 -11.87 13.33
CA HIS B 305 3.78 -10.77 13.25
C HIS B 305 4.23 -10.50 14.69
N SER B 306 5.53 -10.31 14.91
CA SER B 306 6.14 -10.24 16.28
C SER B 306 5.84 -11.52 17.09
N GLY B 307 5.68 -12.69 16.45
CA GLY B 307 5.78 -14.01 17.10
C GLY B 307 7.24 -14.45 17.19
N PRO B 308 7.55 -15.68 17.68
CA PRO B 308 8.92 -16.18 17.74
C PRO B 308 9.36 -16.73 16.38
N TRP B 309 10.67 -16.77 16.12
CA TRP B 309 11.26 -17.20 14.83
C TRP B 309 11.36 -18.73 14.73
N SER B 310 11.16 -19.27 13.53
CA SER B 310 11.32 -20.71 13.20
C SER B 310 12.80 -21.12 13.26
N ASN B 311 13.11 -22.33 12.78
CA ASN B 311 14.51 -22.77 12.53
C ASN B 311 14.77 -22.58 11.03
N TRP B 312 16.01 -22.23 10.67
CA TRP B 312 16.48 -22.19 9.26
C TRP B 312 16.01 -23.47 8.56
N ALA B 313 15.76 -23.40 7.25
CA ALA B 313 15.29 -24.53 6.42
C ALA B 313 15.74 -24.28 4.98
N THR B 314 16.07 -25.34 4.26
CA THR B 314 16.65 -25.26 2.90
C THR B 314 15.52 -25.30 1.88
N LEU B 315 15.75 -24.69 0.71
CA LEU B 315 14.93 -24.86 -0.52
C LEU B 315 15.85 -25.35 -1.66
N ASN B 316 17.02 -25.90 -1.30
CA ASN B 316 18.01 -26.55 -2.21
C ASN B 316 18.48 -25.55 -3.28
N GLY B 317 18.67 -26.01 -4.52
CA GLY B 317 19.20 -25.18 -5.61
C GLY B 317 20.63 -24.79 -5.34
N THR B 318 21.31 -24.26 -6.35
CA THR B 318 22.72 -23.78 -6.28
C THR B 318 22.75 -22.36 -6.85
N ILE B 319 23.03 -21.34 -6.03
CA ILE B 319 22.91 -19.92 -6.49
C ILE B 319 24.24 -19.17 -6.29
N THR B 320 24.51 -18.22 -7.20
CA THR B 320 25.77 -17.46 -7.33
C THR B 320 25.48 -15.98 -7.12
N SER B 321 24.33 -15.68 -6.51
CA SER B 321 23.87 -14.33 -6.11
C SER B 321 23.14 -14.42 -4.79
N ALA B 322 22.95 -13.29 -4.12
CA ALA B 322 21.97 -13.15 -3.01
C ALA B 322 20.58 -13.33 -3.60
N PRO B 323 19.63 -13.92 -2.85
CA PRO B 323 18.25 -14.02 -3.33
C PRO B 323 17.55 -12.66 -3.18
N THR B 324 16.59 -12.37 -4.05
CA THR B 324 15.60 -11.27 -3.90
C THR B 324 14.21 -11.85 -3.69
N ALA B 325 13.40 -11.23 -2.85
CA ALA B 325 12.07 -11.70 -2.44
C ALA B 325 11.01 -10.62 -2.70
N VAL B 326 9.77 -11.03 -2.92
CA VAL B 326 8.62 -10.09 -3.17
C VAL B 326 7.32 -10.89 -3.00
N GLU B 327 6.29 -10.27 -2.44
CA GLU B 327 4.92 -10.84 -2.43
C GLU B 327 4.33 -10.68 -3.83
N ASP B 328 3.77 -11.74 -4.42
CA ASP B 328 2.97 -11.64 -5.67
C ASP B 328 1.50 -11.33 -5.32
N ALA B 329 0.66 -11.23 -6.35
CA ALA B 329 -0.76 -10.78 -6.31
C ALA B 329 -1.64 -11.84 -5.61
N ASP B 330 -1.20 -13.11 -5.59
CA ASP B 330 -1.90 -14.24 -4.90
C ASP B 330 -1.47 -14.30 -3.42
N GLY B 331 -0.60 -13.38 -2.97
CA GLY B 331 -0.11 -13.35 -1.57
C GLY B 331 0.98 -14.38 -1.28
N ARG B 332 1.72 -14.81 -2.28
CA ARG B 332 2.76 -15.87 -2.12
C ARG B 332 4.14 -15.23 -2.35
N LEU B 333 5.08 -15.49 -1.44
CA LEU B 333 6.48 -15.06 -1.61
C LEU B 333 7.08 -15.79 -2.84
N GLU B 334 7.72 -15.01 -3.71
CA GLU B 334 8.54 -15.44 -4.86
C GLU B 334 9.97 -14.99 -4.61
N VAL B 335 10.94 -15.84 -4.95
CA VAL B 335 12.38 -15.59 -4.71
C VAL B 335 13.09 -15.77 -6.04
N PHE B 336 14.04 -14.88 -6.31
CA PHE B 336 14.86 -14.89 -7.54
C PHE B 336 16.34 -14.99 -7.16
N ALA B 337 17.11 -15.74 -7.95
CA ALA B 337 18.57 -15.89 -7.76
C ALA B 337 19.17 -16.40 -9.06
N ARG B 338 20.36 -15.89 -9.38
CA ARG B 338 21.26 -16.45 -10.43
C ARG B 338 21.69 -17.85 -10.02
N GLY B 339 21.77 -18.77 -11.00
CA GLY B 339 22.36 -20.11 -10.84
C GLY B 339 23.78 -20.20 -11.39
N THR B 340 24.35 -21.41 -11.37
CA THR B 340 25.72 -21.75 -11.85
C THR B 340 25.77 -21.63 -13.38
N ASP B 341 24.63 -21.68 -14.07
CA ASP B 341 24.51 -21.40 -15.52
C ASP B 341 24.37 -19.90 -15.80
N ASN B 342 24.32 -19.04 -14.77
CA ASN B 342 24.23 -17.55 -14.86
C ASN B 342 22.84 -17.10 -15.37
N ALA B 343 21.90 -18.03 -15.53
CA ALA B 343 20.48 -17.73 -15.82
C ALA B 343 19.82 -17.27 -14.53
N LEU B 344 18.70 -16.55 -14.62
CA LEU B 344 17.93 -16.20 -13.41
C LEU B 344 16.94 -17.31 -13.13
N TRP B 345 16.87 -17.78 -11.89
CA TRP B 345 15.95 -18.87 -11.47
C TRP B 345 14.91 -18.32 -10.49
N ASN B 346 13.72 -18.89 -10.49
CA ASN B 346 12.56 -18.44 -9.69
C ASN B 346 12.01 -19.62 -8.89
N ILE B 347 11.80 -19.46 -7.59
CA ILE B 347 11.03 -20.44 -6.76
C ILE B 347 9.94 -19.64 -6.02
N TRP B 348 8.76 -20.24 -5.80
CA TRP B 348 7.61 -19.55 -5.15
C TRP B 348 6.98 -20.45 -4.09
N GLN B 349 6.19 -19.85 -3.21
CA GLN B 349 5.73 -20.43 -1.92
C GLN B 349 4.38 -21.14 -2.09
N ALA B 350 4.37 -22.42 -2.47
CA ALA B 350 3.16 -23.29 -2.51
C ALA B 350 3.19 -24.30 -1.36
N TRP B 354 7.35 -25.62 -1.13
CA TRP B 354 7.54 -24.59 -2.18
C TRP B 354 7.55 -25.24 -3.57
N SER B 355 7.62 -24.43 -4.63
CA SER B 355 7.57 -24.87 -6.04
C SER B 355 8.91 -25.45 -6.50
N ALA B 356 8.90 -26.07 -7.68
CA ALA B 356 10.12 -26.37 -8.47
C ALA B 356 10.88 -25.06 -8.71
N TRP B 357 12.21 -25.06 -8.58
CA TRP B 357 13.05 -24.02 -9.24
C TRP B 357 12.70 -24.01 -10.73
N VAL B 358 12.59 -22.83 -11.31
CA VAL B 358 12.19 -22.63 -12.73
C VAL B 358 13.19 -21.63 -13.30
N SER B 359 13.78 -21.91 -14.46
CA SER B 359 14.70 -20.97 -15.14
C SER B 359 13.88 -19.96 -15.94
N LEU B 360 14.14 -18.67 -15.67
CA LEU B 360 13.70 -17.52 -16.51
C LEU B 360 14.76 -17.28 -17.58
N LYS B 361 15.86 -18.04 -17.57
CA LYS B 361 16.88 -18.05 -18.66
C LYS B 361 17.64 -16.71 -18.62
N GLY B 362 18.11 -16.23 -19.77
CA GLY B 362 18.97 -15.03 -19.85
C GLY B 362 20.36 -15.32 -19.31
N SER B 363 21.19 -14.28 -19.13
CA SER B 363 22.59 -14.41 -18.65
C SER B 363 23.00 -13.14 -17.89
N LEU B 364 23.02 -13.20 -16.56
CA LEU B 364 23.15 -12.04 -15.66
C LEU B 364 24.56 -11.92 -15.07
N ILE B 365 25.01 -10.69 -14.81
CA ILE B 365 26.31 -10.41 -14.15
C ILE B 365 26.06 -9.68 -12.83
N ASP B 366 26.88 -9.97 -11.80
CA ASP B 366 26.94 -9.25 -10.50
C ASP B 366 27.72 -7.95 -10.73
N ALA B 367 26.99 -6.85 -10.91
CA ALA B 367 27.51 -5.53 -11.34
C ALA B 367 27.54 -4.58 -10.14
N SER B 368 27.29 -5.11 -8.95
CA SER B 368 27.20 -4.31 -7.70
C SER B 368 28.44 -3.41 -7.62
N ALA B 369 28.26 -2.12 -7.30
CA ALA B 369 29.35 -1.12 -7.24
C ALA B 369 30.23 -1.40 -6.00
N ILE B 370 29.71 -2.14 -5.01
CA ILE B 370 30.50 -2.62 -3.84
C ILE B 370 30.29 -4.14 -3.68
#